data_3IPO
#
_entry.id   3IPO
#
_cell.length_a   160.949
_cell.length_b   160.949
_cell.length_c   173.992
_cell.angle_alpha   90.00
_cell.angle_beta   90.00
_cell.angle_gamma   120.00
#
_symmetry.space_group_name_H-M   'P 63 2 2'
#
loop_
_entity.id
_entity.type
_entity.pdbx_description
1 polymer 'Putative thiosulfate sulfurtransferase ynjE'
2 non-polymer 'PHOSPHATE ION'
3 non-polymer 'SODIUM ION'
4 non-polymer 2-{2-[2-(2-{2-[2-(2-ETHOXY-ETHOXY)-ETHOXY]-ETHOXY}-ETHOXY)-ETHOXY]-ETHOXY}-ETHANOL
5 non-polymer GLYCEROL
6 non-polymer 2-(2-METHOXYETHOXY)ETHANOL
7 water water
#
_entity_poly.entity_id   1
_entity_poly.type   'polypeptide(L)'
_entity_poly.pdbx_seq_one_letter_code
;SSWAAELAKPLTLDQLQQQNGKAIDTRPSAFYNGWPQTLNGPSGHELAALNLSASWLDKMSTEQLNAWIKQHNLKTDAPV
ALYGNDKDVDAVKTRLQKAGLTHISILSDALSEPSRLQKLPHFEQLVYPQWLHDLQQGKEVTAKPAGDWKVIEAAWGAPK
LYLISHIPGADYIDTNEVESEPLWNKVSDEQLKAMLAKHGIRHDTTVILYGRDVYAAARVAQIMLYAGVKDVRLLDGGWQ
TWSDAGLPVERGTPPKVKAEPDFGVKIPAQPQLMLDMEQARGLLHRQDASLVSIRSWPEFIGTTSGYSYIKPKGEIAGAR
WGHAGSDSTHMEDFHNPDGTMRSADDITAMWKAWNIKPEQQVSFY(CSS)GTGWRASETFMYARAMGWKNVSVYDGGWYE
WSSDPKNPVATGERGPDSSK
;
_entity_poly.pdbx_strand_id   A,B
#
loop_
_chem_comp.id
_chem_comp.type
_chem_comp.name
_chem_comp.formula
GOL non-polymer GLYCEROL 'C3 H8 O3'
NA non-polymer 'SODIUM ION' 'Na 1'
PE4 non-polymer 2-{2-[2-(2-{2-[2-(2-ETHOXY-ETHOXY)-ETHOXY]-ETHOXY}-ETHOXY)-ETHOXY]-ETHOXY}-ETHANOL 'C16 H34 O8'
PG0 non-polymer 2-(2-METHOXYETHOXY)ETHANOL 'C5 H12 O3'
PO4 non-polymer 'PHOSPHATE ION' 'O4 P -3'
#
# COMPACT_ATOMS: atom_id res chain seq x y z
N ALA A 5 16.90 -4.78 -21.74
CA ALA A 5 16.71 -3.36 -22.13
C ALA A 5 15.58 -3.15 -23.18
N GLU A 6 15.53 -3.97 -24.23
CA GLU A 6 14.54 -3.80 -25.32
C GLU A 6 13.06 -3.93 -24.91
N LEU A 7 12.21 -3.10 -25.51
CA LEU A 7 10.74 -3.19 -25.43
C LEU A 7 10.21 -4.57 -25.87
N ALA A 8 9.14 -5.07 -25.25
CA ALA A 8 8.39 -6.23 -25.76
C ALA A 8 7.51 -5.86 -27.01
N LYS A 9 6.74 -6.81 -27.53
CA LYS A 9 5.92 -6.58 -28.72
C LYS A 9 4.94 -5.42 -28.51
N PRO A 10 4.82 -4.52 -29.51
CA PRO A 10 3.84 -3.43 -29.44
C PRO A 10 2.39 -3.96 -29.28
N LEU A 11 1.54 -3.24 -28.54
CA LEU A 11 0.16 -3.67 -28.33
C LEU A 11 -0.80 -2.56 -28.70
N THR A 12 -1.92 -2.91 -29.31
CA THR A 12 -3.03 -1.98 -29.47
C THR A 12 -3.78 -1.87 -28.14
N LEU A 13 -4.58 -0.81 -27.98
CA LEU A 13 -5.44 -0.67 -26.80
C LEU A 13 -6.30 -1.93 -26.57
N ASP A 14 -6.97 -2.40 -27.63
CA ASP A 14 -7.77 -3.64 -27.62
C ASP A 14 -6.99 -4.87 -27.10
N GLN A 15 -5.78 -5.07 -27.59
CA GLN A 15 -4.97 -6.21 -27.11
C GLN A 15 -4.53 -6.05 -25.65
N LEU A 16 -4.21 -4.84 -25.25
CA LEU A 16 -3.79 -4.56 -23.91
C LEU A 16 -4.96 -4.87 -22.95
N GLN A 17 -6.16 -4.40 -23.30
CA GLN A 17 -7.39 -4.72 -22.58
C GLN A 17 -7.63 -6.24 -22.46
N GLN A 18 -7.56 -6.95 -23.60
CA GLN A 18 -7.72 -8.40 -23.60
C GLN A 18 -6.70 -9.08 -22.69
N GLN A 19 -5.51 -8.48 -22.54
CA GLN A 19 -4.46 -9.08 -21.70
C GLN A 19 -4.42 -8.55 -20.26
N ASN A 20 -5.48 -7.81 -19.89
CA ASN A 20 -5.58 -7.12 -18.59
CA ASN A 20 -5.60 -7.05 -18.62
C ASN A 20 -4.33 -6.29 -18.26
N GLY A 21 -3.78 -5.57 -19.23
CA GLY A 21 -2.62 -4.69 -18.97
C GLY A 21 -3.00 -3.26 -18.64
N LYS A 22 -2.02 -2.39 -18.44
CA LYS A 22 -2.29 -0.98 -18.22
C LYS A 22 -1.50 -0.10 -19.17
N ALA A 23 -2.19 0.96 -19.59
CA ALA A 23 -1.66 2.01 -20.43
C ALA A 23 -1.04 3.06 -19.54
N ILE A 24 0.19 3.47 -19.85
CA ILE A 24 0.80 4.57 -19.14
C ILE A 24 1.11 5.73 -20.09
N ASP A 25 0.55 6.91 -19.80
CA ASP A 25 0.64 8.13 -20.58
C ASP A 25 1.83 8.82 -19.95
N THR A 26 2.91 8.97 -20.74
CA THR A 26 4.16 9.57 -20.24
C THR A 26 4.31 11.07 -20.44
N ARG A 27 3.23 11.73 -20.90
CA ARG A 27 3.20 13.17 -21.11
C ARG A 27 2.97 13.94 -19.83
N PRO A 28 3.33 15.23 -19.79
CA PRO A 28 2.93 16.04 -18.62
C PRO A 28 1.42 15.95 -18.33
N SER A 29 1.03 16.21 -17.07
CA SER A 29 -0.36 16.02 -16.69
C SER A 29 -1.32 16.94 -17.44
N ALA A 30 -0.89 18.17 -17.76
CA ALA A 30 -1.74 19.09 -18.51
C ALA A 30 -2.37 18.39 -19.69
N PHE A 31 -1.55 17.59 -20.39
CA PHE A 31 -2.00 16.87 -21.57
C PHE A 31 -2.83 15.63 -21.24
N TYR A 32 -2.36 14.87 -20.26
CA TYR A 32 -3.15 13.82 -19.70
C TYR A 32 -4.53 14.32 -19.27
N ASN A 33 -4.58 15.52 -18.71
CA ASN A 33 -5.84 16.12 -18.17
C ASN A 33 -6.88 16.46 -19.24
N GLY A 34 -6.44 16.62 -20.50
CA GLY A 34 -7.34 17.08 -21.56
C GLY A 34 -6.79 18.17 -22.47
N TRP A 35 -5.78 18.92 -22.04
CA TRP A 35 -5.17 19.91 -22.94
C TRP A 35 -4.62 19.26 -24.23
N PRO A 36 -5.00 19.77 -25.41
CA PRO A 36 -4.40 19.23 -26.63
C PRO A 36 -2.95 19.72 -26.80
N GLN A 37 -2.09 18.88 -27.34
CA GLN A 37 -0.69 19.24 -27.52
C GLN A 37 -0.48 20.31 -28.62
N THR A 38 -1.31 20.23 -29.66
CA THR A 38 -1.39 21.24 -30.70
C THR A 38 -2.88 21.61 -30.86
N LEU A 39 -3.18 22.82 -31.36
CA LEU A 39 -4.56 23.28 -31.53
C LEU A 39 -5.38 22.23 -32.27
N ASN A 40 -6.63 21.99 -31.84
CA ASN A 40 -7.53 20.98 -32.49
C ASN A 40 -7.04 19.52 -32.35
N GLY A 41 -5.97 19.30 -31.60
CA GLY A 41 -5.43 17.95 -31.40
C GLY A 41 -6.26 17.09 -30.46
N PRO A 42 -5.90 15.80 -30.33
CA PRO A 42 -6.62 14.90 -29.42
C PRO A 42 -6.60 15.44 -27.97
N SER A 43 -7.72 15.28 -27.26
CA SER A 43 -7.89 15.84 -25.94
C SER A 43 -8.07 14.73 -24.90
N GLY A 44 -7.05 14.45 -24.12
CA GLY A 44 -7.20 13.52 -22.99
C GLY A 44 -6.37 12.25 -23.16
N HIS A 45 -6.67 11.22 -22.37
CA HIS A 45 -5.84 10.02 -22.34
C HIS A 45 -6.66 8.82 -22.65
N GLU A 46 -5.98 7.70 -22.89
CA GLU A 46 -6.70 6.46 -23.15
C GLU A 46 -7.48 5.93 -21.92
N LEU A 47 -8.65 5.33 -22.19
CA LEU A 47 -9.49 4.69 -21.16
C LEU A 47 -8.65 3.96 -20.10
N ALA A 48 -8.76 4.46 -18.87
CA ALA A 48 -8.07 3.92 -17.66
C ALA A 48 -6.55 4.09 -17.65
N ALA A 49 -6.00 4.87 -18.56
CA ALA A 49 -4.53 5.07 -18.55
C ALA A 49 -4.08 5.70 -17.25
N LEU A 50 -2.89 5.31 -16.80
CA LEU A 50 -2.20 5.96 -15.70
C LEU A 50 -1.36 7.10 -16.28
N ASN A 51 -0.94 8.06 -15.45
CA ASN A 51 -0.06 9.14 -15.85
C ASN A 51 1.26 9.01 -15.09
N LEU A 52 2.34 8.75 -15.81
CA LEU A 52 3.68 8.83 -15.26
C LEU A 52 4.52 9.68 -16.22
N SER A 53 4.57 10.98 -15.93
CA SER A 53 5.31 11.89 -16.81
C SER A 53 6.80 11.65 -16.66
N ALA A 54 7.50 11.52 -17.78
CA ALA A 54 8.99 11.43 -17.81
C ALA A 54 9.59 12.61 -17.07
N SER A 55 8.97 13.79 -17.20
CA SER A 55 9.41 14.99 -16.47
C SER A 55 9.35 14.88 -14.95
N TRP A 56 8.57 13.95 -14.40
CA TRP A 56 8.62 13.76 -12.93
C TRP A 56 9.79 12.89 -12.42
N LEU A 57 10.38 12.06 -13.30
CA LEU A 57 11.29 10.99 -12.85
C LEU A 57 12.46 11.43 -11.99
N ASP A 58 13.01 12.61 -12.24
CA ASP A 58 14.16 13.05 -11.47
C ASP A 58 13.72 13.52 -10.06
N LYS A 59 12.43 13.56 -9.83
CA LYS A 59 11.95 13.90 -8.50
C LYS A 59 11.21 12.71 -7.89
N MET A 60 11.49 11.49 -8.37
CA MET A 60 10.95 10.25 -7.79
C MET A 60 12.08 9.29 -7.37
N SER A 61 12.32 9.15 -6.08
CA SER A 61 13.33 8.22 -5.59
C SER A 61 12.88 6.79 -5.94
N THR A 62 13.78 5.83 -5.72
CA THR A 62 13.44 4.41 -5.89
C THR A 62 12.17 4.01 -5.12
N GLU A 63 12.10 4.37 -3.84
CA GLU A 63 10.95 4.05 -3.01
C GLU A 63 9.69 4.80 -3.43
N GLN A 64 9.83 6.03 -3.93
CA GLN A 64 8.63 6.71 -4.42
C GLN A 64 8.00 6.02 -5.62
N LEU A 65 8.84 5.61 -6.56
CA LEU A 65 8.43 4.89 -7.77
C LEU A 65 7.79 3.53 -7.40
N ASN A 66 8.45 2.80 -6.50
CA ASN A 66 7.92 1.51 -6.02
CA ASN A 66 7.92 1.51 -6.02
C ASN A 66 6.52 1.70 -5.41
N ALA A 67 6.35 2.80 -4.66
CA ALA A 67 5.06 3.08 -4.02
C ALA A 67 4.02 3.42 -5.09
N TRP A 68 4.43 4.16 -6.10
CA TRP A 68 3.52 4.56 -7.17
C TRP A 68 3.12 3.29 -7.98
N ILE A 69 4.07 2.39 -8.22
CA ILE A 69 3.77 1.17 -8.92
C ILE A 69 2.69 0.38 -8.18
N LYS A 70 2.93 0.14 -6.87
CA LYS A 70 1.97 -0.59 -6.03
C LYS A 70 0.63 0.07 -5.93
N GLN A 71 0.63 1.36 -5.71
CA GLN A 71 -0.59 2.07 -5.56
C GLN A 71 -1.47 2.07 -6.81
N HIS A 72 -0.89 1.82 -7.99
CA HIS A 72 -1.69 1.79 -9.23
C HIS A 72 -1.92 0.37 -9.69
N ASN A 73 -1.53 -0.58 -8.83
CA ASN A 73 -1.77 -1.98 -8.98
C ASN A 73 -1.15 -2.54 -10.24
N LEU A 74 0.09 -2.17 -10.50
CA LEU A 74 0.80 -2.76 -11.60
C LEU A 74 1.33 -4.11 -11.15
N LYS A 75 0.75 -5.17 -11.71
CA LYS A 75 1.21 -6.50 -11.39
C LYS A 75 2.53 -6.70 -12.13
N THR A 76 3.46 -7.41 -11.50
CA THR A 76 4.85 -7.44 -11.94
C THR A 76 5.06 -8.02 -13.39
N ASP A 77 4.22 -9.00 -13.77
CA ASP A 77 4.31 -9.58 -15.10
C ASP A 77 3.22 -9.15 -16.09
N ALA A 78 2.28 -8.30 -15.66
CA ALA A 78 1.20 -7.86 -16.55
C ALA A 78 1.76 -6.84 -17.54
N PRO A 79 1.23 -6.82 -18.76
CA PRO A 79 1.72 -5.88 -19.78
C PRO A 79 1.47 -4.43 -19.37
N VAL A 80 2.44 -3.56 -19.62
CA VAL A 80 2.23 -2.12 -19.57
C VAL A 80 2.64 -1.56 -20.93
N ALA A 81 1.81 -0.68 -21.48
CA ALA A 81 2.02 -0.13 -22.80
C ALA A 81 2.12 1.36 -22.62
N LEU A 82 3.27 1.92 -23.02
CA LEU A 82 3.61 3.34 -22.81
C LEU A 82 3.25 4.14 -24.07
N TYR A 83 2.88 5.39 -23.90
CA TYR A 83 2.68 6.29 -25.06
C TYR A 83 3.03 7.72 -24.73
N GLY A 84 3.03 8.55 -25.76
CA GLY A 84 3.50 9.94 -25.67
C GLY A 84 4.69 10.27 -26.54
N ASN A 85 5.47 11.27 -26.15
CA ASN A 85 6.63 11.67 -26.93
C ASN A 85 7.75 10.62 -26.76
N ASP A 86 8.46 10.27 -27.85
CA ASP A 86 9.42 9.15 -27.85
C ASP A 86 10.57 9.20 -26.86
N LYS A 87 11.14 10.36 -26.57
CA LYS A 87 12.14 10.51 -25.49
C LYS A 87 11.56 10.17 -24.11
N ASP A 88 10.31 10.60 -23.90
CA ASP A 88 9.63 10.41 -22.61
C ASP A 88 9.32 8.92 -22.44
N VAL A 89 8.84 8.31 -23.52
CA VAL A 89 8.54 6.91 -23.49
C VAL A 89 9.79 6.15 -23.09
N ASP A 90 10.93 6.48 -23.70
CA ASP A 90 12.18 5.74 -23.42
CA ASP A 90 12.18 5.77 -23.44
C ASP A 90 12.64 5.95 -22.00
N ALA A 91 12.53 7.18 -21.51
CA ALA A 91 12.93 7.47 -20.12
C ALA A 91 12.08 6.72 -19.08
N VAL A 92 10.78 6.62 -19.32
CA VAL A 92 9.88 5.89 -18.41
C VAL A 92 10.13 4.37 -18.48
N LYS A 93 10.36 3.86 -19.70
CA LYS A 93 10.73 2.46 -19.94
C LYS A 93 11.91 2.07 -19.08
N THR A 94 12.95 2.89 -19.11
CA THR A 94 14.18 2.56 -18.38
C THR A 94 13.89 2.49 -16.88
N ARG A 95 13.22 3.50 -16.31
CA ARG A 95 12.90 3.46 -14.87
C ARG A 95 12.06 2.26 -14.48
N LEU A 96 10.93 2.06 -15.18
CA LEU A 96 10.10 0.88 -14.93
C LEU A 96 10.87 -0.44 -15.05
N GLN A 97 11.85 -0.50 -15.96
CA GLN A 97 12.74 -1.67 -16.04
C GLN A 97 13.58 -1.83 -14.78
N LYS A 98 14.24 -0.76 -14.32
CA LYS A 98 14.97 -0.81 -13.05
C LYS A 98 14.06 -1.16 -11.86
N ALA A 99 12.83 -0.66 -11.87
CA ALA A 99 11.88 -0.98 -10.81
C ALA A 99 11.44 -2.45 -10.88
N GLY A 100 11.73 -3.12 -11.99
CA GLY A 100 11.46 -4.54 -12.09
C GLY A 100 10.20 -4.93 -12.83
N LEU A 101 9.56 -4.02 -13.55
CA LEU A 101 8.49 -4.47 -14.48
C LEU A 101 9.08 -5.21 -15.71
N THR A 102 8.42 -6.29 -16.12
CA THR A 102 9.03 -7.24 -17.06
C THR A 102 8.42 -7.23 -18.46
N HIS A 103 7.22 -6.66 -18.65
CA HIS A 103 6.53 -6.71 -19.96
CA HIS A 103 6.56 -6.72 -19.95
C HIS A 103 6.15 -5.30 -20.39
N ILE A 104 7.12 -4.54 -20.89
CA ILE A 104 6.93 -3.14 -21.28
C ILE A 104 6.92 -2.97 -22.81
N SER A 105 5.78 -2.53 -23.33
CA SER A 105 5.61 -2.21 -24.75
C SER A 105 5.23 -0.78 -24.95
N ILE A 106 5.15 -0.38 -26.21
CA ILE A 106 4.46 0.85 -26.57
C ILE A 106 3.01 0.53 -26.93
N LEU A 107 2.13 1.49 -26.69
CA LEU A 107 0.74 1.39 -27.11
C LEU A 107 0.64 1.93 -28.53
N SER A 108 0.53 1.04 -29.50
CA SER A 108 0.85 1.40 -30.87
C SER A 108 -0.13 2.37 -31.45
N ASP A 109 -1.40 2.22 -31.08
CA ASP A 109 -2.47 3.06 -31.63
C ASP A 109 -2.89 4.16 -30.65
N ALA A 110 -2.03 4.46 -29.68
CA ALA A 110 -2.34 5.52 -28.72
C ALA A 110 -2.74 6.81 -29.41
N LEU A 111 -3.80 7.45 -28.92
CA LEU A 111 -4.22 8.77 -29.34
C LEU A 111 -4.72 8.83 -30.78
N SER A 112 -4.91 7.68 -31.44
CA SER A 112 -5.30 7.66 -32.86
C SER A 112 -6.81 7.83 -33.09
N GLU A 113 -7.61 7.64 -32.01
CA GLU A 113 -9.06 7.80 -32.10
CA GLU A 113 -9.05 7.83 -32.11
C GLU A 113 -9.49 8.83 -31.07
N PRO A 114 -9.62 10.10 -31.49
CA PRO A 114 -9.97 11.15 -30.54
C PRO A 114 -11.26 10.91 -29.75
N SER A 115 -12.18 10.14 -30.32
CA SER A 115 -13.52 10.01 -29.73
C SER A 115 -13.59 9.08 -28.49
N ARG A 116 -12.56 8.25 -28.27
CA ARG A 116 -12.50 7.35 -27.11
C ARG A 116 -11.60 7.86 -25.96
N LEU A 117 -11.16 9.10 -26.01
CA LEU A 117 -10.29 9.59 -24.94
C LEU A 117 -11.06 10.09 -23.73
N GLN A 118 -10.43 10.06 -22.56
CA GLN A 118 -11.05 10.58 -21.33
C GLN A 118 -10.29 11.79 -20.88
N LYS A 119 -11.03 12.73 -20.28
CA LYS A 119 -10.44 14.00 -19.88
CA LYS A 119 -10.44 14.00 -19.88
C LYS A 119 -11.03 14.47 -18.56
N LEU A 120 -10.32 15.36 -17.90
CA LEU A 120 -10.83 16.09 -16.75
C LEU A 120 -12.00 16.92 -17.27
N PRO A 121 -13.20 16.77 -16.68
CA PRO A 121 -14.33 17.53 -17.29
C PRO A 121 -14.09 19.04 -17.50
N HIS A 122 -13.33 19.72 -16.62
CA HIS A 122 -13.04 21.12 -16.83
C HIS A 122 -11.54 21.37 -16.75
N PHE A 123 -10.78 20.61 -17.56
CA PHE A 123 -9.33 20.72 -17.59
C PHE A 123 -8.91 22.14 -17.85
N GLU A 124 -9.73 22.87 -18.62
CA GLU A 124 -9.39 24.24 -19.00
C GLU A 124 -9.29 25.17 -17.81
N GLN A 125 -9.75 24.74 -16.63
CA GLN A 125 -9.63 25.53 -15.40
C GLN A 125 -8.26 25.42 -14.73
N LEU A 126 -7.50 24.39 -15.11
CA LEU A 126 -6.11 24.24 -14.68
C LEU A 126 -5.19 24.48 -15.86
N VAL A 127 -4.69 25.70 -15.98
CA VAL A 127 -3.85 26.04 -17.11
C VAL A 127 -2.41 25.64 -16.80
N TYR A 128 -1.61 25.57 -17.86
CA TYR A 128 -0.19 25.29 -17.71
C TYR A 128 0.60 26.43 -18.42
N PRO A 129 1.90 26.54 -18.16
CA PRO A 129 2.61 27.78 -18.53
C PRO A 129 2.70 28.12 -20.03
N GLN A 130 3.00 27.13 -20.88
CA GLN A 130 3.13 27.36 -22.33
C GLN A 130 1.83 27.94 -22.91
N TRP A 131 0.70 27.40 -22.47
CA TRP A 131 -0.63 27.85 -22.89
C TRP A 131 -0.82 29.33 -22.52
N LEU A 132 -0.45 29.69 -21.30
CA LEU A 132 -0.60 31.06 -20.82
C LEU A 132 0.31 32.02 -21.60
N HIS A 133 1.55 31.58 -21.81
CA HIS A 133 2.46 32.28 -22.70
C HIS A 133 1.89 32.51 -24.13
N ASP A 134 1.31 31.48 -24.75
CA ASP A 134 0.76 31.59 -26.08
C ASP A 134 -0.42 32.54 -26.09
N LEU A 135 -1.28 32.46 -25.06
CA LEU A 135 -2.40 33.39 -24.90
C LEU A 135 -1.90 34.84 -24.87
N GLN A 136 -0.89 35.06 -24.03
CA GLN A 136 -0.27 36.37 -23.93
C GLN A 136 0.23 36.91 -25.26
N GLN A 137 0.86 36.05 -26.08
CA GLN A 137 1.47 36.43 -27.37
CA GLN A 137 1.45 36.53 -27.34
C GLN A 137 0.44 36.61 -28.47
N GLY A 138 -0.83 36.27 -28.19
CA GLY A 138 -1.90 36.40 -29.21
C GLY A 138 -2.02 35.19 -30.13
N LYS A 139 -1.32 34.12 -29.77
CA LYS A 139 -1.44 32.87 -30.49
C LYS A 139 -2.83 32.21 -30.22
N GLU A 140 -3.43 31.60 -31.22
CA GLU A 140 -4.70 30.94 -31.01
C GLU A 140 -4.54 29.70 -30.10
N VAL A 141 -5.30 29.65 -29.02
CA VAL A 141 -5.18 28.60 -28.03
C VAL A 141 -6.52 27.93 -27.79
N THR A 142 -6.49 26.73 -27.23
CA THR A 142 -7.67 25.99 -26.86
C THR A 142 -8.33 26.71 -25.66
N ALA A 143 -9.67 26.78 -25.63
CA ALA A 143 -10.43 27.37 -24.51
C ALA A 143 -9.95 28.77 -24.15
N LYS A 144 -9.76 29.58 -25.18
CA LYS A 144 -9.42 31.01 -25.03
C LYS A 144 -10.46 31.69 -24.15
N PRO A 145 -10.03 32.60 -23.27
CA PRO A 145 -11.10 33.35 -22.58
C PRO A 145 -12.04 34.07 -23.56
N ALA A 146 -13.32 34.12 -23.19
CA ALA A 146 -14.37 34.66 -24.07
C ALA A 146 -14.16 36.15 -24.32
N GLY A 147 -13.68 36.89 -23.31
CA GLY A 147 -13.46 38.34 -23.42
C GLY A 147 -12.16 38.77 -22.76
N ASP A 148 -12.24 39.76 -21.87
CA ASP A 148 -11.06 40.22 -21.13
C ASP A 148 -10.59 39.11 -20.23
N TRP A 149 -9.29 39.09 -19.97
CA TRP A 149 -8.73 38.18 -18.98
C TRP A 149 -7.68 38.96 -18.25
N LYS A 150 -7.34 38.49 -17.07
CA LYS A 150 -6.30 39.08 -16.25
C LYS A 150 -5.57 37.94 -15.60
N VAL A 151 -4.27 38.11 -15.42
CA VAL A 151 -3.41 37.18 -14.71
C VAL A 151 -3.00 37.85 -13.43
N ILE A 152 -3.04 37.09 -12.35
CA ILE A 152 -2.86 37.67 -11.01
C ILE A 152 -2.09 36.71 -10.11
N GLU A 153 -1.04 37.21 -9.48
CA GLU A 153 -0.34 36.49 -8.44
C GLU A 153 -1.00 36.72 -7.05
N ALA A 154 -1.16 35.65 -6.27
CA ALA A 154 -1.68 35.76 -4.91
C ALA A 154 -0.72 35.24 -3.90
N ALA A 155 -0.57 35.98 -2.81
CA ALA A 155 0.29 35.57 -1.70
C ALA A 155 -0.13 36.34 -0.47
N TRP A 156 0.40 35.93 0.67
CA TRP A 156 0.14 36.57 1.95
C TRP A 156 1.00 37.82 2.03
N GLY A 157 0.35 38.97 2.28
CA GLY A 157 1.10 40.20 2.62
C GLY A 157 1.50 41.06 1.45
N ALA A 158 2.35 42.07 1.70
CA ALA A 158 2.81 42.96 0.63
C ALA A 158 3.64 42.19 -0.46
N PRO A 159 3.64 42.69 -1.71
CA PRO A 159 4.49 42.06 -2.72
C PRO A 159 5.97 42.00 -2.29
N LYS A 160 6.54 40.82 -2.42
CA LYS A 160 7.89 40.47 -1.99
C LYS A 160 8.63 39.71 -3.15
N LEU A 161 8.50 38.39 -3.22
CA LEU A 161 9.08 37.62 -4.33
C LEU A 161 8.54 38.09 -5.69
N TYR A 162 7.31 38.58 -5.72
CA TYR A 162 6.77 39.20 -6.93
C TYR A 162 7.63 40.37 -7.45
N LEU A 163 8.28 41.10 -6.54
CA LEU A 163 9.05 42.25 -6.96
C LEU A 163 10.32 41.79 -7.71
N ILE A 164 10.83 40.62 -7.32
CA ILE A 164 12.02 40.03 -7.89
C ILE A 164 11.69 39.47 -9.28
N SER A 165 10.70 38.59 -9.36
CA SER A 165 10.14 38.21 -10.67
C SER A 165 8.68 37.77 -10.61
N HIS A 166 7.96 37.99 -11.71
CA HIS A 166 6.59 37.54 -11.83
C HIS A 166 6.19 37.28 -13.29
N ILE A 167 5.05 36.65 -13.50
CA ILE A 167 4.57 36.41 -14.83
C ILE A 167 4.32 37.74 -15.56
N PRO A 168 4.72 37.85 -16.84
CA PRO A 168 4.48 39.15 -17.48
C PRO A 168 3.02 39.56 -17.47
N GLY A 169 2.77 40.87 -17.30
CA GLY A 169 1.40 41.37 -17.19
C GLY A 169 0.62 40.95 -15.94
N ALA A 170 1.27 40.30 -14.98
CA ALA A 170 0.52 39.82 -13.79
C ALA A 170 0.26 40.94 -12.80
N ASP A 171 -0.98 41.02 -12.34
CA ASP A 171 -1.32 41.93 -11.23
C ASP A 171 -0.96 41.18 -9.94
N TYR A 172 -1.14 41.81 -8.79
CA TYR A 172 -0.83 41.14 -7.53
C TYR A 172 -1.94 41.28 -6.46
N ILE A 173 -2.34 40.18 -5.83
CA ILE A 173 -3.31 40.25 -4.72
C ILE A 173 -2.69 39.79 -3.40
N ASP A 174 -2.78 40.64 -2.38
CA ASP A 174 -2.41 40.26 -1.03
C ASP A 174 -3.61 39.48 -0.53
N THR A 175 -3.42 38.30 0.06
CA THR A 175 -4.58 37.50 0.54
C THR A 175 -5.39 38.24 1.62
N ASN A 176 -4.73 39.14 2.35
CA ASN A 176 -5.39 40.03 3.29
C ASN A 176 -6.47 40.90 2.68
N GLU A 177 -6.48 41.04 1.36
CA GLU A 177 -7.57 41.76 0.68
C GLU A 177 -8.87 40.96 0.63
N VAL A 178 -8.79 39.63 0.75
CA VAL A 178 -10.03 38.80 0.69
C VAL A 178 -10.46 38.12 2.02
N GLU A 179 -9.62 38.18 3.05
CA GLU A 179 -9.88 37.51 4.29
C GLU A 179 -9.28 38.34 5.43
N SER A 180 -9.79 38.15 6.65
CA SER A 180 -9.26 38.93 7.77
C SER A 180 -9.56 38.37 9.16
N GLU A 181 -8.91 38.99 10.15
CA GLU A 181 -9.29 38.83 11.57
C GLU A 181 -10.79 39.05 11.68
N PRO A 182 -11.47 38.42 12.66
CA PRO A 182 -10.89 37.61 13.74
C PRO A 182 -10.83 36.10 13.45
N LEU A 183 -11.59 35.65 12.45
CA LEU A 183 -11.67 34.21 12.14
C LEU A 183 -10.83 33.75 10.97
N TRP A 184 -10.23 34.69 10.23
CA TRP A 184 -9.64 34.40 8.93
C TRP A 184 -10.68 33.78 8.02
N ASN A 185 -11.87 34.36 8.10
CA ASN A 185 -12.91 34.10 7.12
C ASN A 185 -12.88 35.23 6.07
N LYS A 186 -13.60 35.04 4.98
CA LYS A 186 -13.63 36.05 3.92
C LYS A 186 -14.17 37.35 4.47
N VAL A 187 -13.69 38.45 3.91
CA VAL A 187 -14.22 39.76 4.25
C VAL A 187 -15.68 39.89 3.72
N SER A 188 -16.33 41.01 4.02
CA SER A 188 -17.74 41.19 3.71
C SER A 188 -17.95 41.32 2.20
N ASP A 189 -19.17 41.08 1.76
CA ASP A 189 -19.56 41.29 0.36
C ASP A 189 -19.21 42.69 -0.20
N GLU A 190 -19.37 43.70 0.65
CA GLU A 190 -19.04 45.06 0.34
CA GLU A 190 -19.04 45.04 0.27
C GLU A 190 -17.53 45.16 0.12
N GLN A 191 -16.75 44.56 1.00
CA GLN A 191 -15.30 44.64 0.86
C GLN A 191 -14.83 43.85 -0.35
N LEU A 192 -15.56 42.80 -0.72
CA LEU A 192 -15.20 42.03 -1.89
C LEU A 192 -15.50 42.84 -3.13
N LYS A 193 -16.64 43.53 -3.15
CA LYS A 193 -16.94 44.40 -4.29
C LYS A 193 -15.85 45.49 -4.50
N ALA A 194 -15.44 46.18 -3.45
CA ALA A 194 -14.36 47.18 -3.57
C ALA A 194 -13.10 46.53 -4.15
N MET A 195 -12.81 45.29 -3.69
CA MET A 195 -11.60 44.59 -4.05
C MET A 195 -11.60 44.22 -5.53
N LEU A 196 -12.74 43.73 -6.00
CA LEU A 196 -12.92 43.39 -7.40
C LEU A 196 -12.84 44.62 -8.33
N ALA A 197 -13.54 45.69 -8.00
CA ALA A 197 -13.43 46.93 -8.76
C ALA A 197 -11.95 47.42 -8.85
N LYS A 198 -11.25 47.45 -7.72
CA LYS A 198 -9.87 47.93 -7.66
C LYS A 198 -8.94 47.15 -8.58
N HIS A 199 -9.10 45.83 -8.65
CA HIS A 199 -8.25 45.03 -9.50
C HIS A 199 -8.86 44.91 -10.90
N GLY A 200 -9.88 45.71 -11.19
CA GLY A 200 -10.44 45.76 -12.51
C GLY A 200 -11.14 44.49 -12.94
N ILE A 201 -11.73 43.76 -11.98
CA ILE A 201 -12.42 42.53 -12.32
C ILE A 201 -13.91 42.72 -12.39
N ARG A 202 -14.50 42.35 -13.52
CA ARG A 202 -15.95 42.31 -13.72
CA ARG A 202 -15.95 42.31 -13.67
C ARG A 202 -16.39 40.86 -13.70
N HIS A 203 -17.69 40.61 -13.57
CA HIS A 203 -18.18 39.25 -13.53
C HIS A 203 -17.81 38.43 -14.78
N ASP A 204 -17.57 39.12 -15.92
CA ASP A 204 -17.21 38.41 -17.15
C ASP A 204 -15.75 38.53 -17.50
N THR A 205 -14.92 38.95 -16.56
CA THR A 205 -13.47 38.88 -16.75
C THR A 205 -12.96 37.47 -16.42
N THR A 206 -12.24 36.82 -17.32
CA THR A 206 -11.59 35.57 -16.96
C THR A 206 -10.45 35.94 -16.03
N VAL A 207 -10.34 35.29 -14.87
CA VAL A 207 -9.25 35.59 -13.94
C VAL A 207 -8.35 34.36 -13.83
N ILE A 208 -7.07 34.54 -14.15
CA ILE A 208 -6.10 33.45 -14.09
C ILE A 208 -5.16 33.65 -12.92
N LEU A 209 -5.32 32.85 -11.87
CA LEU A 209 -4.58 33.10 -10.63
C LEU A 209 -3.43 32.15 -10.46
N TYR A 210 -2.34 32.62 -9.89
CA TYR A 210 -1.28 31.67 -9.55
C TYR A 210 -0.66 32.10 -8.25
N GLY A 211 0.12 31.23 -7.65
CA GLY A 211 0.89 31.68 -6.52
C GLY A 211 2.15 30.89 -6.37
N ARG A 212 3.07 31.41 -5.56
CA ARG A 212 4.16 30.60 -5.07
C ARG A 212 3.65 29.28 -4.49
N ASP A 213 2.52 29.33 -3.78
CA ASP A 213 1.85 28.13 -3.28
C ASP A 213 0.50 28.08 -3.89
N VAL A 214 0.11 26.94 -4.43
CA VAL A 214 -1.15 26.82 -5.09
C VAL A 214 -2.29 27.23 -4.16
N TYR A 215 -2.20 26.90 -2.86
CA TYR A 215 -3.35 27.13 -2.00
C TYR A 215 -3.70 28.65 -1.79
N ALA A 216 -2.71 29.54 -1.84
CA ALA A 216 -2.97 30.98 -1.73
C ALA A 216 -3.86 31.47 -2.92
N ALA A 217 -3.51 31.03 -4.13
CA ALA A 217 -4.28 31.40 -5.30
C ALA A 217 -5.62 30.72 -5.28
N ALA A 218 -5.67 29.50 -4.76
CA ALA A 218 -6.94 28.79 -4.77
C ALA A 218 -7.94 29.47 -3.80
N ARG A 219 -7.40 30.00 -2.70
CA ARG A 219 -8.17 30.68 -1.70
C ARG A 219 -8.82 31.94 -2.28
N VAL A 220 -8.01 32.78 -2.90
CA VAL A 220 -8.51 33.90 -3.64
C VAL A 220 -9.52 33.45 -4.71
N ALA A 221 -9.25 32.31 -5.39
CA ALA A 221 -10.06 31.88 -6.55
C ALA A 221 -11.45 31.51 -6.12
N GLN A 222 -11.53 30.75 -5.03
CA GLN A 222 -12.82 30.26 -4.50
C GLN A 222 -13.69 31.41 -4.01
N ILE A 223 -13.06 32.38 -3.35
CA ILE A 223 -13.77 33.59 -2.93
C ILE A 223 -14.34 34.41 -4.10
N MET A 224 -13.55 34.58 -5.17
CA MET A 224 -14.04 35.25 -6.37
C MET A 224 -15.14 34.47 -7.05
N LEU A 225 -15.11 33.13 -6.98
CA LEU A 225 -16.21 32.33 -7.56
C LEU A 225 -17.51 32.57 -6.76
N TYR A 226 -17.36 32.58 -5.44
CA TYR A 226 -18.44 32.94 -4.53
C TYR A 226 -19.03 34.31 -4.86
N ALA A 227 -18.14 35.29 -5.08
CA ALA A 227 -18.55 36.68 -5.33
C ALA A 227 -19.28 36.80 -6.65
N GLY A 228 -18.81 36.08 -7.66
CA GLY A 228 -19.52 36.00 -8.93
C GLY A 228 -18.71 36.14 -10.22
N VAL A 229 -17.38 36.06 -10.14
CA VAL A 229 -16.55 35.95 -11.35
C VAL A 229 -16.83 34.58 -11.91
N LYS A 230 -17.30 34.52 -13.14
CA LYS A 230 -17.74 33.26 -13.71
C LYS A 230 -16.56 32.36 -14.11
N ASP A 231 -15.56 32.95 -14.76
CA ASP A 231 -14.44 32.18 -15.32
C ASP A 231 -13.18 32.44 -14.49
N VAL A 232 -12.89 31.54 -13.56
CA VAL A 232 -11.74 31.68 -12.68
C VAL A 232 -10.91 30.42 -12.81
N ARG A 233 -9.62 30.61 -13.05
CA ARG A 233 -8.71 29.53 -13.43
C ARG A 233 -7.48 29.56 -12.55
N LEU A 234 -6.84 28.40 -12.38
CA LEU A 234 -5.51 28.33 -11.71
C LEU A 234 -4.40 27.87 -12.64
N LEU A 235 -3.21 28.45 -12.45
CA LEU A 235 -2.00 27.88 -13.00
C LEU A 235 -1.64 26.63 -12.21
N ASP A 236 -1.97 25.48 -12.80
CA ASP A 236 -1.61 24.17 -12.24
C ASP A 236 -0.13 24.10 -11.80
N GLY A 237 0.12 23.89 -10.50
CA GLY A 237 1.49 23.77 -10.02
C GLY A 237 2.02 25.09 -9.52
N GLY A 238 1.33 26.19 -9.82
CA GLY A 238 1.79 27.50 -9.34
C GLY A 238 3.00 28.07 -10.07
N TRP A 239 3.66 29.02 -9.45
CA TRP A 239 4.75 29.75 -10.10
C TRP A 239 5.94 28.88 -10.49
N GLN A 240 6.25 27.88 -9.68
CA GLN A 240 7.39 27.03 -9.96
C GLN A 240 7.37 26.47 -11.41
N THR A 241 6.20 26.08 -11.90
CA THR A 241 6.08 25.59 -13.26
C THR A 241 6.44 26.65 -14.30
N TRP A 242 6.14 27.91 -14.02
CA TRP A 242 6.47 28.97 -14.94
C TRP A 242 7.98 29.20 -14.85
N SER A 243 8.51 29.17 -13.64
CA SER A 243 9.94 29.36 -13.44
C SER A 243 10.73 28.28 -14.17
N ASP A 244 10.38 27.03 -13.89
CA ASP A 244 11.06 25.88 -14.46
C ASP A 244 10.95 25.85 -15.97
N ALA A 245 9.92 26.44 -16.55
CA ALA A 245 9.76 26.42 -18.00
C ALA A 245 10.74 27.39 -18.65
N GLY A 246 11.31 28.30 -17.87
CA GLY A 246 12.21 29.34 -18.41
C GLY A 246 11.51 30.29 -19.38
N LEU A 247 10.24 30.58 -19.11
CA LEU A 247 9.50 31.64 -19.84
C LEU A 247 9.91 33.04 -19.34
N PRO A 248 9.62 34.08 -20.14
CA PRO A 248 9.98 35.46 -19.74
C PRO A 248 9.33 35.87 -18.41
N VAL A 249 9.96 36.82 -17.72
CA VAL A 249 9.42 37.35 -16.48
C VAL A 249 9.38 38.88 -16.54
N GLU A 250 8.65 39.53 -15.63
CA GLU A 250 8.78 40.96 -15.43
C GLU A 250 9.13 41.16 -13.96
N ARG A 251 9.52 42.37 -13.58
CA ARG A 251 9.86 42.66 -12.19
C ARG A 251 9.29 44.00 -11.70
N GLY A 252 9.59 44.34 -10.45
CA GLY A 252 9.16 45.61 -9.91
C GLY A 252 7.72 45.58 -9.41
N THR A 253 7.25 46.75 -8.97
CA THR A 253 5.97 46.88 -8.31
C THR A 253 4.80 46.62 -9.27
N PRO A 254 3.63 46.23 -8.75
CA PRO A 254 2.60 46.01 -9.76
C PRO A 254 2.23 47.32 -10.46
N PRO A 255 2.12 47.31 -11.80
CA PRO A 255 1.63 48.52 -12.50
C PRO A 255 0.18 48.92 -12.13
N LYS A 256 -0.11 50.21 -12.20
CA LYS A 256 -1.43 50.77 -11.95
C LYS A 256 -2.51 49.93 -12.62
N VAL A 257 -3.60 49.61 -11.91
CA VAL A 257 -4.72 48.92 -12.60
C VAL A 257 -5.91 49.86 -12.79
N LYS A 258 -6.54 49.76 -13.95
CA LYS A 258 -7.73 50.55 -14.24
C LYS A 258 -8.97 49.93 -13.57
N ALA A 259 -9.52 50.65 -12.58
CA ALA A 259 -10.72 50.26 -11.82
C ALA A 259 -11.88 49.91 -12.70
N GLU A 260 -12.67 48.94 -12.27
CA GLU A 260 -13.91 48.64 -12.98
C GLU A 260 -15.07 48.71 -12.00
N PRO A 261 -15.70 49.89 -11.91
CA PRO A 261 -16.59 50.12 -10.78
C PRO A 261 -17.87 49.34 -10.89
N ASP A 262 -18.27 48.92 -12.08
CA ASP A 262 -19.51 48.17 -12.21
C ASP A 262 -19.24 46.66 -12.45
N PHE A 263 -19.50 45.84 -11.42
CA PHE A 263 -19.22 44.40 -11.48
C PHE A 263 -20.16 43.68 -12.45
N GLY A 264 -21.38 44.19 -12.61
CA GLY A 264 -22.31 43.69 -13.62
C GLY A 264 -23.35 42.70 -13.17
N VAL A 265 -23.19 42.18 -11.94
CA VAL A 265 -24.18 41.36 -11.24
C VAL A 265 -24.08 41.65 -9.74
N LYS A 266 -25.09 41.24 -9.00
CA LYS A 266 -25.11 41.43 -7.55
C LYS A 266 -24.12 40.48 -6.93
N ILE A 267 -23.28 41.02 -6.07
CA ILE A 267 -22.42 40.21 -5.25
C ILE A 267 -23.14 39.91 -3.94
N PRO A 268 -23.20 38.62 -3.52
CA PRO A 268 -22.57 37.45 -4.15
C PRO A 268 -23.48 36.72 -5.15
N ALA A 269 -22.94 36.33 -6.31
CA ALA A 269 -23.76 35.58 -7.25
C ALA A 269 -23.79 34.09 -6.97
N GLN A 270 -22.83 33.58 -6.19
CA GLN A 270 -22.78 32.14 -5.90
C GLN A 270 -22.59 31.89 -4.39
N PRO A 271 -23.57 32.37 -3.57
CA PRO A 271 -23.37 32.30 -2.11
C PRO A 271 -23.29 30.86 -1.61
N GLN A 272 -23.87 29.94 -2.35
CA GLN A 272 -23.92 28.53 -1.92
C GLN A 272 -22.51 27.91 -1.91
N LEU A 273 -21.55 28.58 -2.54
CA LEU A 273 -20.19 28.05 -2.58
C LEU A 273 -19.48 28.17 -1.23
N MET A 274 -20.07 28.90 -0.28
CA MET A 274 -19.45 29.01 1.05
C MET A 274 -20.45 28.68 2.15
N LEU A 275 -20.08 27.73 3.03
CA LEU A 275 -20.91 27.35 4.17
C LEU A 275 -20.46 28.01 5.46
N ASP A 276 -21.42 28.25 6.37
CA ASP A 276 -21.07 28.66 7.70
C ASP A 276 -21.11 27.42 8.62
N MET A 277 -20.83 27.62 9.90
CA MET A 277 -20.79 26.54 10.87
C MET A 277 -22.03 25.65 10.94
N GLU A 278 -23.22 26.23 11.03
CA GLU A 278 -24.45 25.41 11.19
C GLU A 278 -24.72 24.60 9.96
N GLN A 279 -24.43 25.19 8.81
CA GLN A 279 -24.59 24.52 7.51
C GLN A 279 -23.59 23.36 7.39
N ALA A 280 -22.35 23.61 7.79
CA ALA A 280 -21.35 22.60 7.74
C ALA A 280 -21.79 21.46 8.68
N ARG A 281 -22.18 21.80 9.90
CA ARG A 281 -22.57 20.78 10.89
C ARG A 281 -23.72 19.92 10.36
N GLY A 282 -24.59 20.54 9.55
CA GLY A 282 -25.74 19.86 8.96
C GLY A 282 -25.41 18.79 7.92
N LEU A 283 -24.15 18.74 7.47
CA LEU A 283 -23.75 17.74 6.48
C LEU A 283 -23.37 16.39 7.09
N LEU A 284 -23.16 16.40 8.41
CA LEU A 284 -22.54 15.27 9.11
C LEU A 284 -23.48 14.07 9.18
N HIS A 285 -22.89 12.88 9.16
CA HIS A 285 -23.65 11.61 9.37
C HIS A 285 -24.69 11.34 8.31
N ARG A 286 -24.31 11.63 7.08
CA ARG A 286 -25.23 11.47 5.96
C ARG A 286 -24.57 10.70 4.83
N GLN A 287 -25.38 9.92 4.14
CA GLN A 287 -24.92 9.29 2.94
C GLN A 287 -24.84 10.28 1.79
N ASP A 288 -25.74 11.28 1.73
CA ASP A 288 -25.85 12.19 0.56
C ASP A 288 -25.02 13.47 0.70
N ALA A 289 -24.20 13.57 1.76
CA ALA A 289 -23.40 14.75 2.02
C ALA A 289 -22.16 14.37 2.79
N SER A 290 -21.10 15.19 2.63
CA SER A 290 -19.81 14.95 3.32
C SER A 290 -19.22 16.24 3.75
N LEU A 291 -18.76 16.32 4.99
CA LEU A 291 -17.99 17.45 5.44
C LEU A 291 -16.56 16.87 5.48
N VAL A 292 -15.70 17.44 4.64
CA VAL A 292 -14.39 16.87 4.36
C VAL A 292 -13.25 17.64 4.99
N SER A 293 -12.54 16.94 5.88
CA SER A 293 -11.34 17.48 6.48
C SER A 293 -10.13 17.33 5.54
N ILE A 294 -9.57 18.49 5.20
CA ILE A 294 -8.37 18.60 4.44
C ILE A 294 -7.30 19.05 5.39
N ARG A 295 -6.95 18.15 6.30
CA ARG A 295 -5.97 18.40 7.34
C ARG A 295 -5.00 17.22 7.38
N SER A 296 -3.79 17.48 7.85
CA SER A 296 -2.85 16.41 8.01
C SER A 296 -3.36 15.38 8.99
N TRP A 297 -2.81 14.15 8.89
CA TRP A 297 -3.12 13.07 9.80
C TRP A 297 -2.89 13.42 11.31
N PRO A 298 -1.73 14.02 11.66
CA PRO A 298 -1.57 14.44 13.05
C PRO A 298 -2.64 15.49 13.49
N GLU A 299 -3.10 16.33 12.56
CA GLU A 299 -4.23 17.21 12.91
C GLU A 299 -5.54 16.35 13.12
N PHE A 300 -5.80 15.44 12.19
CA PHE A 300 -7.02 14.65 12.18
C PHE A 300 -7.18 13.81 13.44
N ILE A 301 -6.07 13.40 14.04
CA ILE A 301 -6.10 12.45 15.17
C ILE A 301 -5.95 13.21 16.48
N GLY A 302 -5.64 14.50 16.38
CA GLY A 302 -5.48 15.36 17.53
C GLY A 302 -4.11 15.46 18.19
N THR A 303 -3.02 15.10 17.50
CA THR A 303 -1.69 15.22 18.07
C THR A 303 -1.35 16.69 18.21
N THR A 304 -1.78 17.48 17.23
CA THR A 304 -1.43 18.89 17.15
C THR A 304 -2.61 19.62 16.54
N SER A 305 -2.72 20.91 16.80
CA SER A 305 -3.78 21.69 16.14
C SER A 305 -3.39 22.04 14.72
N GLY A 306 -2.09 22.06 14.46
CA GLY A 306 -1.55 22.48 13.18
C GLY A 306 -1.17 23.96 13.16
N TYR A 307 -1.50 24.71 14.20
CA TYR A 307 -1.31 26.14 14.12
C TYR A 307 -0.81 26.69 15.44
N SER A 308 0.20 27.55 15.39
CA SER A 308 0.67 28.36 16.52
C SER A 308 -0.40 29.05 17.35
N TYR A 309 -1.45 29.52 16.71
CA TYR A 309 -2.37 30.40 17.41
C TYR A 309 -3.66 29.68 17.78
N ILE A 310 -3.77 28.40 17.43
CA ILE A 310 -4.94 27.61 17.78
C ILE A 310 -4.58 26.61 18.87
N LYS A 311 -5.17 26.80 20.03
CA LYS A 311 -4.88 25.96 21.18
C LYS A 311 -5.57 24.56 21.15
N PRO A 312 -6.86 24.50 20.77
CA PRO A 312 -7.57 23.23 20.84
C PRO A 312 -7.07 22.24 19.78
N LYS A 313 -7.01 20.97 20.16
CA LYS A 313 -6.57 19.88 19.32
C LYS A 313 -7.71 18.91 19.06
N GLY A 314 -7.80 18.39 17.85
CA GLY A 314 -8.75 17.35 17.57
C GLY A 314 -9.35 17.67 16.25
N GLU A 315 -10.44 16.97 15.93
CA GLU A 315 -11.07 17.12 14.64
C GLU A 315 -12.58 17.26 14.76
N ILE A 316 -13.25 17.68 13.69
CA ILE A 316 -14.69 17.77 13.66
C ILE A 316 -15.27 16.38 13.66
N ALA A 317 -16.06 16.06 14.69
CA ALA A 317 -16.55 14.69 14.80
C ALA A 317 -17.44 14.41 13.63
N GLY A 318 -17.22 13.31 12.92
CA GLY A 318 -18.01 13.02 11.71
C GLY A 318 -17.43 13.54 10.39
N ALA A 319 -16.44 14.44 10.46
CA ALA A 319 -15.70 14.83 9.24
C ALA A 319 -15.03 13.61 8.65
N ARG A 320 -15.13 13.50 7.35
CA ARG A 320 -14.53 12.43 6.60
C ARG A 320 -13.18 12.96 6.11
N TRP A 321 -12.11 12.21 6.38
CA TRP A 321 -10.74 12.64 5.97
C TRP A 321 -10.60 12.69 4.46
N GLY A 322 -10.24 13.85 3.93
CA GLY A 322 -9.99 13.95 2.48
C GLY A 322 -8.51 13.90 2.12
N HIS A 323 -7.66 13.66 3.12
CA HIS A 323 -6.19 13.73 2.98
C HIS A 323 -5.78 15.16 2.78
N ALA A 324 -4.47 15.40 2.82
CA ALA A 324 -3.92 16.73 2.69
C ALA A 324 -2.40 16.67 2.40
N GLY A 325 -1.58 16.79 3.43
CA GLY A 325 -0.15 16.80 3.31
C GLY A 325 0.48 16.53 4.67
N SER A 326 1.76 16.83 4.81
CA SER A 326 2.51 16.48 5.99
C SER A 326 2.27 17.44 7.16
N ASP A 327 1.90 18.68 6.88
CA ASP A 327 1.60 19.56 7.98
C ASP A 327 0.65 20.58 7.41
N SER A 328 0.38 21.64 8.15
CA SER A 328 -0.71 22.53 7.73
C SER A 328 -0.35 23.43 6.55
N THR A 329 0.93 23.48 6.15
CA THR A 329 1.32 24.34 5.04
C THR A 329 1.71 23.54 3.81
N HIS A 330 1.43 22.22 3.78
CA HIS A 330 1.77 21.38 2.61
C HIS A 330 0.60 20.50 2.16
N MET A 331 0.59 20.19 0.86
CA MET A 331 -0.44 19.41 0.22
C MET A 331 0.08 18.24 -0.66
N GLU A 332 1.11 17.54 -0.20
CA GLU A 332 1.68 16.40 -0.96
C GLU A 332 0.67 15.38 -1.46
N ASP A 333 -0.41 15.11 -0.69
CA ASP A 333 -1.36 14.09 -1.15
C ASP A 333 -2.15 14.49 -2.36
N PHE A 334 -2.06 15.76 -2.77
CA PHE A 334 -2.79 16.17 -3.96
C PHE A 334 -1.84 16.49 -5.14
N HIS A 335 -0.55 16.28 -4.95
CA HIS A 335 0.45 16.76 -5.92
C HIS A 335 1.26 15.67 -6.62
N ASN A 336 1.48 15.85 -7.92
CA ASN A 336 2.49 15.11 -8.63
C ASN A 336 3.89 15.57 -8.17
N PRO A 337 4.95 14.81 -8.50
CA PRO A 337 6.28 15.30 -8.03
C PRO A 337 6.65 16.73 -8.53
N ASP A 338 6.03 17.22 -9.60
CA ASP A 338 6.30 18.57 -10.07
C ASP A 338 5.31 19.61 -9.46
N GLY A 339 4.50 19.23 -8.47
CA GLY A 339 3.57 20.17 -7.81
C GLY A 339 2.22 20.37 -8.48
N THR A 340 1.99 19.76 -9.64
CA THR A 340 0.71 19.80 -10.31
C THR A 340 -0.30 18.82 -9.65
N MET A 341 -1.58 19.02 -9.99
CA MET A 341 -2.65 18.18 -9.47
C MET A 341 -2.50 16.71 -9.94
N ARG A 342 -2.44 15.79 -8.96
CA ARG A 342 -2.57 14.36 -9.22
C ARG A 342 -3.78 14.01 -10.03
N SER A 343 -3.70 12.83 -10.62
CA SER A 343 -4.71 12.37 -11.52
C SER A 343 -6.09 12.32 -10.84
N ALA A 344 -7.10 12.84 -11.53
CA ALA A 344 -8.45 12.80 -11.07
C ALA A 344 -8.86 11.40 -10.57
N ASP A 345 -8.44 10.33 -11.26
CA ASP A 345 -8.79 8.97 -10.85
C ASP A 345 -8.26 8.68 -9.47
N ASP A 346 -7.05 9.17 -9.21
CA ASP A 346 -6.39 8.90 -7.96
C ASP A 346 -7.08 9.65 -6.82
N ILE A 347 -7.43 10.91 -7.05
CA ILE A 347 -8.11 11.75 -6.08
C ILE A 347 -9.51 11.20 -5.80
N THR A 348 -10.20 10.82 -6.87
CA THR A 348 -11.49 10.17 -6.77
C THR A 348 -11.43 8.92 -5.91
N ALA A 349 -10.42 8.08 -6.13
CA ALA A 349 -10.32 6.82 -5.37
C ALA A 349 -10.01 7.07 -3.88
N MET A 350 -9.15 8.05 -3.62
CA MET A 350 -8.73 8.38 -2.28
C MET A 350 -9.96 8.91 -1.47
N TRP A 351 -10.81 9.68 -2.14
CA TRP A 351 -11.96 10.28 -1.51
C TRP A 351 -13.06 9.23 -1.32
N LYS A 352 -13.23 8.38 -2.33
CA LYS A 352 -14.19 7.30 -2.26
C LYS A 352 -13.98 6.37 -1.08
N ALA A 353 -12.73 6.10 -0.75
CA ALA A 353 -12.49 5.15 0.32
C ALA A 353 -13.05 5.70 1.64
N TRP A 354 -13.20 7.02 1.73
CA TRP A 354 -13.72 7.65 2.93
C TRP A 354 -15.21 8.00 2.74
N ASN A 355 -15.86 7.40 1.75
CA ASN A 355 -17.27 7.69 1.47
C ASN A 355 -17.54 9.16 1.08
N ILE A 356 -16.56 9.79 0.40
CA ILE A 356 -16.71 11.14 -0.12
C ILE A 356 -16.85 10.97 -1.63
N LYS A 357 -18.02 11.32 -2.19
CA LYS A 357 -18.40 10.94 -3.57
C LYS A 357 -19.05 12.09 -4.33
N PRO A 358 -18.90 12.14 -5.67
CA PRO A 358 -19.39 13.30 -6.45
C PRO A 358 -20.92 13.57 -6.42
N GLU A 359 -21.75 12.54 -6.21
CA GLU A 359 -23.22 12.77 -6.07
C GLU A 359 -23.60 13.41 -4.73
N GLN A 360 -22.68 13.57 -3.79
CA GLN A 360 -23.02 14.18 -2.51
C GLN A 360 -22.90 15.68 -2.55
N GLN A 361 -23.56 16.34 -1.61
CA GLN A 361 -23.20 17.69 -1.27
CA GLN A 361 -23.24 17.71 -1.23
C GLN A 361 -21.94 17.65 -0.41
N VAL A 362 -20.83 18.13 -0.98
CA VAL A 362 -19.49 18.04 -0.38
C VAL A 362 -18.93 19.43 0.04
N SER A 363 -18.43 19.56 1.26
CA SER A 363 -17.83 20.80 1.66
C SER A 363 -16.48 20.51 2.32
N PHE A 364 -15.46 21.19 1.81
CA PHE A 364 -14.10 21.03 2.30
C PHE A 364 -13.80 22.04 3.39
N TYR A 365 -13.02 21.66 4.41
CA TYR A 365 -12.54 22.66 5.38
C TYR A 365 -11.14 22.23 5.84
N CSS A 366 -10.45 23.11 6.57
CA CSS A 366 -9.13 22.84 7.08
CB CSS A 366 -8.05 23.11 6.03
SG CSS A 366 -8.20 24.64 5.17
SD CSS A 366 -6.44 25.31 5.77
C CSS A 366 -8.98 23.69 8.32
O CSS A 366 -9.93 23.83 9.10
N GLY A 367 -7.81 24.26 8.55
CA GLY A 367 -7.61 25.13 9.69
C GLY A 367 -8.40 26.41 9.44
N THR A 368 -8.13 27.10 8.33
CA THR A 368 -8.82 28.34 8.09
C THR A 368 -9.34 28.53 6.68
N GLY A 369 -9.20 27.52 5.83
CA GLY A 369 -9.81 27.56 4.51
C GLY A 369 -8.91 27.49 3.31
N TRP A 370 -7.63 27.74 3.50
CA TRP A 370 -6.65 27.66 2.36
C TRP A 370 -6.49 26.28 1.71
N ARG A 371 -6.14 25.26 2.48
CA ARG A 371 -6.01 23.91 1.91
C ARG A 371 -7.32 23.42 1.31
N ALA A 372 -8.44 23.75 1.96
CA ALA A 372 -9.78 23.42 1.43
C ALA A 372 -10.10 24.11 0.09
N SER A 373 -9.62 25.33 -0.08
CA SER A 373 -9.81 26.04 -1.34
C SER A 373 -9.13 25.32 -2.49
N GLU A 374 -7.89 24.90 -2.27
CA GLU A 374 -7.16 24.07 -3.25
C GLU A 374 -7.97 22.80 -3.66
N THR A 375 -8.44 22.03 -2.70
CA THR A 375 -9.23 20.84 -3.05
C THR A 375 -10.58 21.20 -3.68
N PHE A 376 -11.18 22.28 -3.22
CA PHE A 376 -12.36 22.79 -3.90
C PHE A 376 -12.12 23.07 -5.43
N MET A 377 -11.03 23.76 -5.77
CA MET A 377 -10.75 24.04 -7.16
C MET A 377 -10.55 22.75 -7.95
N TYR A 378 -9.94 21.76 -7.30
CA TYR A 378 -9.69 20.50 -8.03
C TYR A 378 -11.01 19.81 -8.25
N ALA A 379 -11.78 19.64 -7.17
CA ALA A 379 -13.13 19.06 -7.31
C ALA A 379 -13.96 19.73 -8.43
N ARG A 380 -13.87 21.06 -8.54
CA ARG A 380 -14.61 21.82 -9.54
C ARG A 380 -14.11 21.42 -10.94
N ALA A 381 -12.79 21.27 -11.07
CA ALA A 381 -12.14 20.93 -12.34
C ALA A 381 -12.56 19.51 -12.71
N MET A 382 -12.85 18.73 -11.69
CA MET A 382 -13.20 17.36 -11.85
C MET A 382 -14.66 17.19 -12.17
N GLY A 383 -15.41 18.28 -12.20
CA GLY A 383 -16.81 18.10 -12.58
C GLY A 383 -17.75 17.86 -11.38
N TRP A 384 -17.23 17.96 -10.16
CA TRP A 384 -18.09 17.79 -8.99
C TRP A 384 -19.06 18.97 -8.87
N LYS A 385 -20.36 18.69 -8.94
CA LYS A 385 -21.39 19.72 -9.10
C LYS A 385 -21.82 20.44 -7.84
N ASN A 386 -21.61 19.84 -6.66
CA ASN A 386 -21.99 20.49 -5.39
C ASN A 386 -20.91 20.53 -4.40
N VAL A 387 -19.96 21.42 -4.61
CA VAL A 387 -18.86 21.51 -3.71
C VAL A 387 -18.89 22.90 -3.09
N SER A 388 -18.30 23.04 -1.93
CA SER A 388 -18.28 24.32 -1.28
C SER A 388 -17.12 24.26 -0.34
N VAL A 389 -16.83 25.40 0.29
CA VAL A 389 -15.86 25.47 1.36
C VAL A 389 -16.54 25.91 2.65
N TYR A 390 -16.26 25.21 3.74
CA TYR A 390 -16.74 25.65 5.06
C TYR A 390 -15.63 26.54 5.60
N ASP A 391 -15.82 27.84 5.47
CA ASP A 391 -14.76 28.83 5.71
C ASP A 391 -14.11 28.69 7.09
N GLY A 392 -14.95 28.62 8.13
CA GLY A 392 -14.50 28.74 9.53
C GLY A 392 -13.59 27.62 9.95
N GLY A 393 -13.86 26.41 9.45
CA GLY A 393 -12.94 25.29 9.62
C GLY A 393 -12.72 24.98 11.09
N TRP A 394 -11.58 24.36 11.40
CA TRP A 394 -11.25 23.99 12.75
C TRP A 394 -11.08 25.21 13.67
N TYR A 395 -10.55 26.30 13.16
CA TYR A 395 -10.36 27.47 14.02
C TYR A 395 -11.71 27.90 14.59
N GLU A 396 -12.73 27.92 13.75
CA GLU A 396 -14.03 28.30 14.23
C GLU A 396 -14.70 27.22 15.09
N TRP A 397 -14.82 26.02 14.56
CA TRP A 397 -15.48 24.93 15.22
C TRP A 397 -14.99 24.74 16.66
N SER A 398 -13.69 24.73 16.85
CA SER A 398 -13.14 24.44 18.16
C SER A 398 -13.17 25.66 19.10
N SER A 399 -13.63 26.82 18.61
CA SER A 399 -13.78 28.01 19.44
CA SER A 399 -13.78 28.01 19.43
C SER A 399 -14.96 27.80 20.36
N ASP A 400 -15.85 26.90 19.96
CA ASP A 400 -16.97 26.54 20.79
C ASP A 400 -16.84 25.13 21.41
N PRO A 401 -16.48 25.03 22.72
CA PRO A 401 -16.22 23.72 23.36
C PRO A 401 -17.43 22.78 23.43
N LYS A 402 -18.62 23.24 23.07
CA LYS A 402 -19.81 22.38 22.94
C LYS A 402 -19.83 21.57 21.67
N ASN A 403 -19.09 22.02 20.65
CA ASN A 403 -19.07 21.30 19.38
C ASN A 403 -18.41 19.92 19.53
N PRO A 404 -19.01 18.89 18.93
CA PRO A 404 -18.47 17.53 19.01
C PRO A 404 -17.06 17.43 18.37
N VAL A 405 -16.11 16.85 19.12
CA VAL A 405 -14.72 16.68 18.70
C VAL A 405 -14.36 15.18 18.67
N ALA A 406 -13.62 14.76 17.64
CA ALA A 406 -13.04 13.40 17.58
C ALA A 406 -11.54 13.51 17.70
N THR A 407 -10.92 12.55 18.40
CA THR A 407 -9.46 12.41 18.45
C THR A 407 -9.12 10.90 18.32
N GLY A 408 -7.83 10.61 18.09
CA GLY A 408 -7.36 9.22 17.93
C GLY A 408 -7.39 8.65 16.52
N GLU A 409 -6.69 7.54 16.36
CA GLU A 409 -6.58 6.81 15.07
C GLU A 409 -7.86 6.10 14.74
N ARG A 410 -8.35 6.28 13.52
CA ARG A 410 -9.62 5.73 13.14
C ARG A 410 -9.67 5.72 11.62
N GLY A 411 -10.57 4.94 11.07
CA GLY A 411 -10.70 4.82 9.65
C GLY A 411 -12.07 5.22 9.14
N PRO A 412 -12.29 4.97 7.84
CA PRO A 412 -13.49 5.43 7.13
C PRO A 412 -14.79 5.13 7.81
N ASP A 413 -14.97 3.95 8.41
N ASP A 413 -14.92 3.93 8.43
CA ASP A 413 -16.27 3.60 9.01
CA ASP A 413 -16.19 3.49 9.11
C ASP A 413 -16.64 4.46 10.23
C ASP A 413 -16.63 4.44 10.23
N SER A 414 -15.66 5.12 10.81
CA SER A 414 -15.88 5.88 11.99
C SER A 414 -16.50 7.27 11.73
N SER A 415 -16.84 7.55 10.48
CA SER A 415 -17.45 8.83 10.06
C SER A 415 -18.73 8.58 9.26
N LYS A 416 -19.37 7.45 9.50
CA LYS A 416 -20.71 7.24 8.94
C LYS A 416 -21.69 8.36 9.38
N SER B 1 26.34 15.42 22.30
CA SER B 1 26.28 14.50 21.10
C SER B 1 25.96 13.02 21.48
N SER B 2 26.87 12.37 22.18
CA SER B 2 26.55 11.06 22.77
C SER B 2 25.65 11.21 24.00
N TRP B 3 25.54 12.45 24.47
CA TRP B 3 24.61 12.86 25.53
C TRP B 3 23.32 13.38 24.93
N ALA B 4 23.40 13.83 23.67
CA ALA B 4 22.23 14.35 22.90
C ALA B 4 20.89 13.70 23.21
N ALA B 5 19.87 14.54 23.35
CA ALA B 5 18.56 14.11 23.84
C ALA B 5 17.33 14.48 23.00
N GLU B 6 17.48 15.25 21.91
CA GLU B 6 16.29 15.59 21.07
C GLU B 6 15.69 14.37 20.35
N LEU B 7 14.38 14.38 20.18
CA LEU B 7 13.71 13.33 19.43
C LEU B 7 13.95 13.58 17.96
N ALA B 8 14.38 12.56 17.18
CA ALA B 8 14.32 12.69 15.71
C ALA B 8 12.85 13.00 15.26
N LYS B 9 12.68 13.97 14.39
CA LYS B 9 11.36 14.38 13.97
C LYS B 9 10.58 13.25 13.26
N PRO B 10 9.28 13.10 13.57
CA PRO B 10 8.46 12.05 12.94
C PRO B 10 8.42 12.24 11.42
N LEU B 11 8.20 11.17 10.67
CA LEU B 11 8.20 11.25 9.20
C LEU B 11 6.92 10.61 8.67
N THR B 12 6.31 11.22 7.65
CA THR B 12 5.25 10.50 6.95
C THR B 12 5.85 9.40 6.06
N LEU B 13 5.06 8.40 5.72
CA LEU B 13 5.54 7.42 4.75
C LEU B 13 6.06 8.09 3.44
N ASP B 14 5.32 9.09 2.92
CA ASP B 14 5.74 9.83 1.73
C ASP B 14 7.18 10.35 1.91
N GLN B 15 7.44 10.90 3.09
CA GLN B 15 8.78 11.41 3.44
C GLN B 15 9.82 10.30 3.56
N LEU B 16 9.49 9.23 4.24
CA LEU B 16 10.39 8.11 4.39
C LEU B 16 10.81 7.59 3.00
N GLN B 17 9.82 7.46 2.12
CA GLN B 17 10.01 6.99 0.76
C GLN B 17 10.84 7.95 -0.11
N GLN B 18 10.54 9.24 -0.04
CA GLN B 18 11.39 10.28 -0.67
C GLN B 18 12.86 10.04 -0.30
N GLN B 19 13.12 9.69 0.94
CA GLN B 19 14.50 9.54 1.43
C GLN B 19 14.98 8.09 1.39
N ASN B 20 14.23 7.19 0.77
CA ASN B 20 14.67 5.81 0.66
C ASN B 20 14.99 5.22 2.02
N GLY B 21 14.20 5.57 3.04
CA GLY B 21 14.36 5.01 4.40
C GLY B 21 13.67 3.67 4.55
N LYS B 22 13.70 3.14 5.78
CA LYS B 22 13.07 1.90 6.13
C LYS B 22 12.00 2.02 7.24
N ALA B 23 10.86 1.40 7.03
CA ALA B 23 9.86 1.37 8.08
C ALA B 23 10.01 0.09 8.86
N ILE B 24 9.73 0.13 10.15
CA ILE B 24 9.87 -1.03 10.97
C ILE B 24 8.64 -1.19 11.83
N ASP B 25 7.94 -2.29 11.58
CA ASP B 25 6.68 -2.64 12.21
C ASP B 25 7.03 -3.42 13.48
N THR B 26 6.77 -2.85 14.65
CA THR B 26 7.17 -3.47 15.90
C THR B 26 6.15 -4.41 16.48
N ARG B 27 5.06 -4.61 15.75
CA ARG B 27 4.02 -5.54 16.21
C ARG B 27 4.44 -7.00 16.08
N PRO B 28 3.80 -7.87 16.85
CA PRO B 28 3.94 -9.33 16.59
C PRO B 28 3.68 -9.69 15.09
N SER B 29 4.33 -10.74 14.59
CA SER B 29 4.25 -11.02 13.16
C SER B 29 2.82 -11.34 12.67
N ALA B 30 1.96 -11.90 13.53
CA ALA B 30 0.58 -12.15 13.14
C ALA B 30 -0.06 -10.89 12.55
N PHE B 31 0.21 -9.71 13.11
CA PHE B 31 -0.45 -8.48 12.63
C PHE B 31 0.28 -7.91 11.45
N TYR B 32 1.62 -7.98 11.51
CA TYR B 32 2.45 -7.70 10.33
C TYR B 32 1.94 -8.51 9.12
N ASN B 33 1.69 -9.81 9.33
CA ASN B 33 1.28 -10.70 8.22
C ASN B 33 -0.07 -10.38 7.62
N GLY B 34 -0.92 -9.67 8.39
CA GLY B 34 -2.24 -9.25 7.93
C GLY B 34 -3.41 -9.35 8.88
N TRP B 35 -3.26 -10.11 9.96
CA TRP B 35 -4.33 -10.20 10.98
C TRP B 35 -4.64 -8.80 11.49
N PRO B 36 -5.92 -8.43 11.51
CA PRO B 36 -6.22 -7.07 11.99
C PRO B 36 -6.26 -7.07 13.50
N GLN B 37 -5.94 -5.96 14.12
CA GLN B 37 -6.03 -5.84 15.58
C GLN B 37 -7.46 -5.61 16.06
N THR B 38 -8.38 -5.32 15.17
CA THR B 38 -9.76 -5.16 15.55
C THR B 38 -10.54 -5.77 14.43
N LEU B 39 -11.67 -6.39 14.69
CA LEU B 39 -12.50 -6.87 13.62
C LEU B 39 -12.68 -5.72 12.61
N ASN B 40 -12.47 -5.99 11.32
CA ASN B 40 -12.56 -4.98 10.24
C ASN B 40 -11.55 -3.81 10.27
N GLY B 41 -10.58 -3.85 11.17
CA GLY B 41 -9.50 -2.86 11.17
C GLY B 41 -8.44 -3.03 10.05
N PRO B 42 -7.42 -2.15 10.02
CA PRO B 42 -6.37 -2.24 9.00
C PRO B 42 -5.68 -3.64 8.96
N SER B 43 -5.39 -4.11 7.77
CA SER B 43 -4.88 -5.47 7.65
C SER B 43 -3.49 -5.44 6.97
N GLY B 44 -2.42 -5.71 7.72
CA GLY B 44 -1.10 -5.80 7.06
C GLY B 44 -0.14 -4.70 7.46
N HIS B 45 0.92 -4.48 6.66
CA HIS B 45 2.04 -3.56 6.97
C HIS B 45 2.28 -2.57 5.87
N GLU B 46 2.99 -1.48 6.17
CA GLU B 46 3.32 -0.50 5.18
C GLU B 46 4.31 -1.12 4.16
N LEU B 47 4.23 -0.62 2.92
CA LEU B 47 4.99 -1.20 1.82
C LEU B 47 6.47 -1.37 2.20
N ALA B 48 6.98 -2.61 2.12
CA ALA B 48 8.43 -2.87 2.34
C ALA B 48 8.88 -2.66 3.80
N ALA B 49 7.95 -2.48 4.73
CA ALA B 49 8.30 -2.39 6.13
C ALA B 49 8.96 -3.68 6.50
N LEU B 50 9.92 -3.58 7.41
CA LEU B 50 10.50 -4.74 8.09
C LEU B 50 9.67 -5.07 9.33
N ASN B 51 9.73 -6.31 9.80
CA ASN B 51 9.09 -6.70 11.03
C ASN B 51 10.16 -7.01 12.08
N LEU B 52 10.13 -6.24 13.18
CA LEU B 52 10.99 -6.49 14.33
C LEU B 52 10.10 -6.33 15.52
N SER B 53 9.54 -7.44 15.97
CA SER B 53 8.57 -7.39 17.04
C SER B 53 9.30 -7.21 18.37
N ALA B 54 8.86 -6.23 19.16
CA ALA B 54 9.33 -6.03 20.55
C ALA B 54 9.39 -7.32 21.32
N SER B 55 8.41 -8.20 21.12
CA SER B 55 8.32 -9.46 21.87
C SER B 55 9.42 -10.47 21.47
N TRP B 56 10.18 -10.22 20.40
CA TRP B 56 11.32 -11.09 20.04
C TRP B 56 12.60 -10.70 20.76
N LEU B 57 12.65 -9.48 21.30
CA LEU B 57 13.91 -8.84 21.72
C LEU B 57 14.63 -9.59 22.83
N ASP B 58 13.88 -10.14 23.78
CA ASP B 58 14.53 -10.82 24.88
CA ASP B 58 14.45 -10.89 24.91
C ASP B 58 15.08 -12.19 24.43
N LYS B 59 14.79 -12.56 23.18
CA LYS B 59 15.39 -13.77 22.58
C LYS B 59 16.40 -13.40 21.50
N MET B 60 16.77 -12.12 21.38
CA MET B 60 17.80 -11.76 20.41
C MET B 60 19.03 -11.21 21.11
N SER B 61 20.18 -11.89 20.95
CA SER B 61 21.45 -11.45 21.54
C SER B 61 21.97 -10.27 20.77
N THR B 62 23.01 -9.61 21.27
CA THR B 62 23.72 -8.63 20.48
C THR B 62 24.08 -9.13 19.07
N GLU B 63 24.61 -10.33 18.96
CA GLU B 63 25.02 -10.87 17.65
C GLU B 63 23.85 -11.05 16.71
N GLN B 64 22.79 -11.66 17.23
CA GLN B 64 21.58 -11.88 16.41
C GLN B 64 20.97 -10.55 15.92
N LEU B 65 20.88 -9.56 16.82
CA LEU B 65 20.33 -8.27 16.42
C LEU B 65 21.23 -7.68 15.35
N ASN B 66 22.56 -7.72 15.56
CA ASN B 66 23.47 -7.25 14.52
C ASN B 66 23.33 -7.95 13.19
N ALA B 67 23.09 -9.26 13.19
CA ALA B 67 22.99 -10.03 11.96
C ALA B 67 21.67 -9.66 11.26
N TRP B 68 20.60 -9.47 12.06
CA TRP B 68 19.30 -9.05 11.54
C TRP B 68 19.41 -7.66 10.92
N ILE B 69 20.12 -6.76 11.59
CA ILE B 69 20.30 -5.41 11.09
C ILE B 69 21.01 -5.45 9.74
N LYS B 70 22.06 -6.26 9.64
CA LYS B 70 22.84 -6.33 8.42
C LYS B 70 22.12 -7.06 7.28
N GLN B 71 21.40 -8.13 7.61
CA GLN B 71 20.60 -8.91 6.65
C GLN B 71 19.53 -8.03 5.97
N HIS B 72 19.05 -7.00 6.67
CA HIS B 72 18.02 -6.14 6.09
C HIS B 72 18.61 -4.81 5.64
N ASN B 73 19.94 -4.75 5.71
CA ASN B 73 20.69 -3.67 5.12
C ASN B 73 20.23 -2.28 5.66
N LEU B 74 20.18 -2.17 6.98
CA LEU B 74 19.95 -0.90 7.65
C LEU B 74 21.29 -0.15 7.77
N LYS B 75 21.50 0.84 6.89
CA LYS B 75 22.72 1.68 6.91
C LYS B 75 22.72 2.48 8.18
N THR B 76 23.85 2.52 8.90
CA THR B 76 23.92 3.25 10.21
C THR B 76 23.11 4.58 10.31
N ASP B 77 23.16 5.36 9.23
CA ASP B 77 22.60 6.73 9.19
C ASP B 77 21.29 6.96 8.39
N ALA B 78 20.97 6.08 7.41
CA ALA B 78 19.70 6.21 6.61
C ALA B 78 18.43 6.23 7.48
N PRO B 79 17.41 7.04 7.11
CA PRO B 79 16.28 7.15 8.06
C PRO B 79 15.52 5.81 8.28
N VAL B 80 15.22 5.55 9.55
CA VAL B 80 14.49 4.40 10.00
C VAL B 80 13.29 4.99 10.74
N ALA B 81 12.09 4.56 10.37
CA ALA B 81 10.87 4.97 11.06
C ALA B 81 10.10 3.79 11.60
N LEU B 82 9.77 3.84 12.89
CA LEU B 82 9.09 2.79 13.60
C LEU B 82 7.61 3.05 13.75
N TYR B 83 6.85 1.96 13.91
CA TYR B 83 5.46 2.06 14.27
C TYR B 83 4.98 0.84 15.01
N GLY B 84 3.81 0.99 15.63
CA GLY B 84 3.23 -0.06 16.50
C GLY B 84 2.75 0.60 17.79
N ASN B 85 2.53 -0.20 18.81
CA ASN B 85 2.16 0.43 20.07
C ASN B 85 3.40 1.08 20.77
N ASP B 86 3.14 2.03 21.66
CA ASP B 86 4.15 2.86 22.29
C ASP B 86 5.20 2.07 23.09
N LYS B 87 4.75 1.09 23.85
CA LYS B 87 5.65 0.26 24.62
C LYS B 87 6.66 -0.52 23.68
N ASP B 88 6.15 -1.22 22.67
CA ASP B 88 6.94 -1.89 21.65
C ASP B 88 7.88 -0.98 20.85
N VAL B 89 7.39 0.18 20.40
CA VAL B 89 8.21 1.10 19.65
C VAL B 89 9.37 1.55 20.55
N ASP B 90 9.07 1.84 21.81
CA ASP B 90 10.11 2.27 22.68
C ASP B 90 11.15 1.16 22.95
N ALA B 91 10.69 -0.08 23.21
CA ALA B 91 11.59 -1.22 23.42
C ALA B 91 12.52 -1.42 22.21
N VAL B 92 11.97 -1.41 20.99
CA VAL B 92 12.72 -1.58 19.76
C VAL B 92 13.65 -0.37 19.53
N LYS B 93 13.19 0.86 19.76
CA LYS B 93 14.01 2.02 19.66
C LYS B 93 15.28 1.94 20.54
N THR B 94 15.09 1.57 21.81
CA THR B 94 16.18 1.42 22.72
C THR B 94 17.20 0.39 22.20
N ARG B 95 16.76 -0.80 21.75
CA ARG B 95 17.71 -1.80 21.20
C ARG B 95 18.42 -1.34 19.93
N LEU B 96 17.71 -0.74 19.02
CA LEU B 96 18.33 -0.19 17.84
C LEU B 96 19.36 0.91 18.15
N GLN B 97 19.07 1.80 19.09
CA GLN B 97 20.08 2.79 19.50
C GLN B 97 21.32 2.11 20.12
N LYS B 98 21.10 1.09 20.94
CA LYS B 98 22.23 0.47 21.57
C LYS B 98 23.07 -0.29 20.49
N ALA B 99 22.43 -0.72 19.39
CA ALA B 99 23.19 -1.27 18.27
C ALA B 99 23.85 -0.16 17.44
N GLY B 100 23.56 1.09 17.72
CA GLY B 100 24.26 2.15 17.01
C GLY B 100 23.55 2.84 15.85
N LEU B 101 22.28 2.51 15.58
CA LEU B 101 21.49 3.32 14.61
C LEU B 101 21.23 4.73 15.16
N THR B 102 21.30 5.74 14.29
CA THR B 102 21.24 7.10 14.78
C THR B 102 20.04 7.95 14.35
N HIS B 103 19.39 7.63 13.24
CA HIS B 103 18.29 8.53 12.76
C HIS B 103 17.01 7.75 12.88
N ILE B 104 16.47 7.69 14.10
CA ILE B 104 15.32 6.83 14.40
C ILE B 104 14.10 7.64 14.73
N SER B 105 13.06 7.52 13.90
CA SER B 105 11.81 8.30 14.00
C SER B 105 10.64 7.42 14.18
N ILE B 106 9.49 8.06 14.45
CA ILE B 106 8.20 7.41 14.37
C ILE B 106 7.65 7.65 12.95
N LEU B 107 6.99 6.64 12.40
CA LEU B 107 6.23 6.80 11.16
C LEU B 107 4.86 7.36 11.52
N SER B 108 4.69 8.66 11.34
CA SER B 108 3.55 9.34 11.97
C SER B 108 2.22 8.95 11.37
N ASP B 109 2.21 8.54 10.09
CA ASP B 109 0.93 8.19 9.49
C ASP B 109 0.82 6.69 9.25
N ALA B 110 1.52 5.89 10.05
CA ALA B 110 1.44 4.43 9.88
C ALA B 110 0.02 3.91 10.03
N LEU B 111 -0.40 3.07 9.11
CA LEU B 111 -1.68 2.36 9.16
C LEU B 111 -2.90 3.29 8.94
N SER B 112 -2.65 4.55 8.55
CA SER B 112 -3.72 5.54 8.36
C SER B 112 -4.52 5.36 7.04
N GLU B 113 -4.01 4.49 6.17
CA GLU B 113 -4.55 4.29 4.85
C GLU B 113 -4.56 2.79 4.46
N PRO B 114 -5.70 2.12 4.74
CA PRO B 114 -5.75 0.67 4.63
C PRO B 114 -5.40 0.18 3.23
N SER B 115 -5.72 0.96 2.21
CA SER B 115 -5.58 0.41 0.87
C SER B 115 -4.13 0.23 0.42
N ARG B 116 -3.17 0.87 1.08
CA ARG B 116 -1.76 0.76 0.67
C ARG B 116 -1.04 -0.29 1.52
N LEU B 117 -1.76 -1.03 2.38
CA LEU B 117 -1.09 -2.04 3.24
C LEU B 117 -0.76 -3.32 2.49
N GLN B 118 0.26 -4.06 2.94
CA GLN B 118 0.63 -5.30 2.28
C GLN B 118 0.48 -6.35 3.31
N LYS B 119 0.10 -7.55 2.88
CA LYS B 119 -0.19 -8.66 3.78
C LYS B 119 0.01 -10.02 3.07
N LEU B 120 0.02 -11.12 3.80
CA LEU B 120 -0.02 -12.43 3.14
C LEU B 120 -1.37 -12.56 2.44
N PRO B 121 -1.36 -12.94 1.15
CA PRO B 121 -2.68 -13.15 0.56
C PRO B 121 -3.58 -14.11 1.35
N HIS B 122 -3.03 -15.10 2.06
CA HIS B 122 -3.86 -15.94 2.94
C HIS B 122 -3.33 -15.99 4.39
N PHE B 123 -3.10 -14.80 4.98
CA PHE B 123 -2.65 -14.72 6.38
C PHE B 123 -3.53 -15.58 7.29
N GLU B 124 -4.80 -15.74 6.93
CA GLU B 124 -5.73 -16.50 7.81
C GLU B 124 -5.39 -17.97 7.98
N GLN B 125 -4.47 -18.49 7.16
CA GLN B 125 -4.07 -19.91 7.23
C GLN B 125 -3.07 -20.12 8.33
N LEU B 126 -2.52 -19.00 8.86
CA LEU B 126 -1.50 -19.02 9.94
C LEU B 126 -2.03 -18.28 11.15
N VAL B 127 -2.70 -19.03 12.00
CA VAL B 127 -3.40 -18.47 13.14
C VAL B 127 -2.42 -18.26 14.34
N TYR B 128 -2.88 -17.52 15.34
CA TYR B 128 -2.04 -17.18 16.48
C TYR B 128 -2.91 -17.46 17.70
N PRO B 129 -2.31 -17.62 18.89
CA PRO B 129 -3.05 -18.15 20.05
C PRO B 129 -4.32 -17.38 20.50
N GLN B 130 -4.23 -16.04 20.59
CA GLN B 130 -5.35 -15.26 21.10
C GLN B 130 -6.58 -15.43 20.18
N TRP B 131 -6.32 -15.54 18.87
CA TRP B 131 -7.37 -15.72 17.88
C TRP B 131 -8.13 -17.02 18.17
N LEU B 132 -7.39 -18.10 18.39
CA LEU B 132 -7.97 -19.41 18.63
C LEU B 132 -8.74 -19.44 19.94
N HIS B 133 -8.16 -18.83 20.98
CA HIS B 133 -8.79 -18.77 22.26
C HIS B 133 -10.10 -18.01 22.11
N ASP B 134 -10.04 -16.89 21.39
CA ASP B 134 -11.27 -16.12 21.20
C ASP B 134 -12.34 -16.87 20.42
N LEU B 135 -11.92 -17.58 19.38
CA LEU B 135 -12.79 -18.46 18.64
C LEU B 135 -13.48 -19.46 19.59
N GLN B 136 -12.68 -20.10 20.45
CA GLN B 136 -13.19 -21.13 21.34
C GLN B 136 -14.25 -20.59 22.28
N GLN B 137 -14.18 -19.32 22.61
CA GLN B 137 -15.00 -18.75 23.64
C GLN B 137 -16.17 -17.94 23.03
N GLY B 138 -16.46 -18.15 21.73
CA GLY B 138 -17.67 -17.62 21.11
C GLY B 138 -17.56 -16.15 20.76
N LYS B 139 -16.35 -15.63 20.66
CA LYS B 139 -16.13 -14.23 20.33
C LYS B 139 -16.17 -14.07 18.81
N GLU B 140 -16.33 -12.84 18.31
CA GLU B 140 -16.23 -12.55 16.86
C GLU B 140 -14.77 -12.48 16.49
N VAL B 141 -14.39 -13.15 15.40
CA VAL B 141 -12.98 -13.20 15.01
C VAL B 141 -12.87 -13.01 13.51
N THR B 142 -11.73 -12.50 13.07
CA THR B 142 -11.50 -12.41 11.63
C THR B 142 -11.42 -13.82 10.98
N ALA B 143 -12.00 -13.97 9.80
CA ALA B 143 -11.80 -15.22 9.04
C ALA B 143 -12.22 -16.46 9.87
N LYS B 144 -13.38 -16.35 10.50
CA LYS B 144 -13.99 -17.41 11.26
C LYS B 144 -14.19 -18.63 10.35
N PRO B 145 -13.93 -19.85 10.86
CA PRO B 145 -14.29 -21.03 10.04
C PRO B 145 -15.75 -20.93 9.56
N ALA B 146 -16.03 -21.40 8.36
CA ALA B 146 -17.42 -21.33 7.86
C ALA B 146 -18.44 -22.26 8.60
N GLY B 147 -18.00 -23.42 9.10
CA GLY B 147 -18.91 -24.40 9.73
C GLY B 147 -18.23 -25.04 10.92
N ASP B 148 -18.21 -26.38 11.03
CA ASP B 148 -17.49 -27.02 12.14
C ASP B 148 -15.96 -26.82 12.01
N TRP B 149 -15.26 -26.90 13.14
CA TRP B 149 -13.81 -26.82 13.16
C TRP B 149 -13.26 -27.69 14.25
N LYS B 150 -12.00 -28.07 14.08
CA LYS B 150 -11.31 -28.91 15.04
C LYS B 150 -9.91 -28.41 15.21
N VAL B 151 -9.44 -28.43 16.45
CA VAL B 151 -8.04 -28.20 16.75
C VAL B 151 -7.39 -29.54 17.00
N ILE B 152 -6.18 -29.76 16.48
CA ILE B 152 -5.52 -31.07 16.58
C ILE B 152 -4.04 -30.90 16.79
N GLU B 153 -3.49 -31.50 17.84
CA GLU B 153 -2.06 -31.56 18.04
C GLU B 153 -1.50 -32.71 17.20
N ALA B 154 -0.37 -32.50 16.51
CA ALA B 154 0.27 -33.57 15.75
C ALA B 154 1.68 -33.77 16.23
N ALA B 155 2.05 -35.01 16.46
CA ALA B 155 3.42 -35.32 16.85
C ALA B 155 3.76 -36.77 16.46
N TRP B 156 5.05 -37.03 16.28
CA TRP B 156 5.49 -38.37 16.00
C TRP B 156 5.18 -39.20 17.25
N GLY B 157 4.49 -40.34 17.08
CA GLY B 157 4.33 -41.34 18.15
C GLY B 157 3.06 -41.21 18.98
N ALA B 158 2.95 -42.04 20.00
CA ALA B 158 1.78 -41.93 20.88
C ALA B 158 1.88 -40.64 21.71
N PRO B 159 0.73 -40.18 22.29
CA PRO B 159 0.65 -38.99 23.16
C PRO B 159 1.62 -39.02 24.33
N LYS B 160 2.63 -38.15 24.33
CA LYS B 160 3.55 -37.94 25.47
C LYS B 160 3.27 -36.60 26.19
N LEU B 161 3.90 -35.52 25.72
CA LEU B 161 3.71 -34.17 26.24
C LEU B 161 2.23 -33.71 26.20
N TYR B 162 1.51 -34.13 25.17
CA TYR B 162 0.08 -33.89 25.10
C TYR B 162 -0.61 -34.27 26.40
N LEU B 163 -0.21 -35.36 27.08
CA LEU B 163 -0.85 -35.78 28.34
C LEU B 163 -0.55 -34.81 29.48
N ILE B 164 0.66 -34.27 29.50
CA ILE B 164 1.02 -33.19 30.42
C ILE B 164 0.17 -31.93 30.12
N SER B 165 0.22 -31.44 28.88
CA SER B 165 -0.71 -30.35 28.49
C SER B 165 -0.87 -30.16 27.00
N HIS B 166 -2.04 -29.66 26.66
CA HIS B 166 -2.38 -29.36 25.30
C HIS B 166 -3.41 -28.26 25.24
N ILE B 167 -3.60 -27.74 24.05
CA ILE B 167 -4.62 -26.73 23.84
C ILE B 167 -6.02 -27.31 24.20
N PRO B 168 -6.85 -26.52 24.89
CA PRO B 168 -8.19 -27.02 25.24
C PRO B 168 -8.98 -27.48 24.00
N GLY B 169 -9.71 -28.60 24.13
CA GLY B 169 -10.49 -29.18 23.03
C GLY B 169 -9.68 -29.73 21.87
N ALA B 170 -8.35 -29.77 22.03
CA ALA B 170 -7.51 -30.34 20.99
C ALA B 170 -7.60 -31.87 21.04
N ASP B 171 -7.84 -32.44 19.87
CA ASP B 171 -7.63 -33.85 19.58
C ASP B 171 -6.11 -34.08 19.32
N TYR B 172 -5.71 -35.33 19.09
CA TYR B 172 -4.31 -35.68 18.91
C TYR B 172 -4.16 -36.62 17.75
N ILE B 173 -3.22 -36.34 16.87
CA ILE B 173 -2.95 -37.23 15.75
C ILE B 173 -1.47 -37.60 15.71
N ASP B 174 -1.22 -38.90 15.80
CA ASP B 174 0.10 -39.46 15.63
C ASP B 174 0.45 -39.39 14.13
N THR B 175 1.64 -38.86 13.80
CA THR B 175 2.06 -38.75 12.39
C THR B 175 2.13 -40.12 11.68
N ASN B 176 2.33 -41.20 12.45
CA ASN B 176 2.30 -42.54 11.87
C ASN B 176 0.96 -42.84 11.27
N GLU B 177 -0.05 -42.03 11.54
CA GLU B 177 -1.37 -42.27 10.96
C GLU B 177 -1.47 -41.75 9.53
N VAL B 178 -0.46 -41.02 9.06
CA VAL B 178 -0.58 -40.41 7.74
C VAL B 178 0.55 -40.84 6.82
N GLU B 179 1.54 -41.52 7.39
CA GLU B 179 2.72 -41.87 6.61
C GLU B 179 3.30 -43.13 7.19
N SER B 180 4.11 -43.83 6.43
CA SER B 180 4.68 -45.08 6.94
C SER B 180 5.91 -45.55 6.14
N GLU B 181 6.54 -46.62 6.63
CA GLU B 181 7.52 -47.36 5.82
C GLU B 181 6.90 -47.95 4.53
N PRO B 182 7.74 -48.33 3.54
CA PRO B 182 9.22 -48.29 3.48
C PRO B 182 9.86 -46.93 3.11
N LEU B 183 9.08 -46.04 2.50
CA LEU B 183 9.62 -44.76 2.00
C LEU B 183 9.40 -43.53 2.87
N TRP B 184 8.63 -43.68 3.95
CA TRP B 184 8.07 -42.55 4.69
C TRP B 184 7.31 -41.60 3.77
N ASN B 185 6.49 -42.18 2.92
CA ASN B 185 5.58 -41.42 2.07
C ASN B 185 4.23 -41.52 2.67
N LYS B 186 3.29 -40.68 2.21
CA LYS B 186 1.94 -40.73 2.77
C LYS B 186 1.31 -42.12 2.57
N VAL B 187 0.47 -42.55 3.51
CA VAL B 187 -0.29 -43.79 3.39
C VAL B 187 -1.29 -43.71 2.24
N SER B 188 -1.92 -44.82 1.87
CA SER B 188 -2.84 -44.84 0.72
C SER B 188 -4.10 -43.98 0.94
N ASP B 189 -4.76 -43.61 -0.15
CA ASP B 189 -6.03 -42.88 -0.09
C ASP B 189 -7.09 -43.53 0.79
N GLU B 190 -7.23 -44.84 0.63
CA GLU B 190 -8.07 -45.63 1.50
C GLU B 190 -7.72 -45.39 2.99
N GLN B 191 -6.45 -45.48 3.38
CA GLN B 191 -6.12 -45.32 4.80
C GLN B 191 -6.36 -43.88 5.28
N LEU B 192 -6.15 -42.90 4.40
CA LEU B 192 -6.44 -41.51 4.73
C LEU B 192 -7.93 -41.33 4.96
N LYS B 193 -8.75 -41.94 4.09
CA LYS B 193 -10.18 -41.91 4.29
C LYS B 193 -10.55 -42.39 5.68
N ALA B 194 -9.94 -43.48 6.15
CA ALA B 194 -10.23 -44.03 7.49
C ALA B 194 -9.72 -43.11 8.59
N MET B 195 -8.49 -42.63 8.44
CA MET B 195 -7.88 -41.62 9.33
C MET B 195 -8.82 -40.42 9.56
N LEU B 196 -9.32 -39.83 8.47
CA LEU B 196 -10.20 -38.66 8.51
C LEU B 196 -11.51 -38.94 9.25
N ALA B 197 -12.12 -40.08 8.91
CA ALA B 197 -13.39 -40.48 9.48
C ALA B 197 -13.24 -40.66 10.98
N LYS B 198 -12.17 -41.33 11.39
CA LYS B 198 -11.93 -41.61 12.79
C LYS B 198 -11.67 -40.33 13.60
N HIS B 199 -11.14 -39.29 12.93
CA HIS B 199 -10.89 -37.98 13.57
C HIS B 199 -12.02 -36.92 13.40
N GLY B 200 -13.12 -37.31 12.77
CA GLY B 200 -14.30 -36.46 12.70
C GLY B 200 -14.22 -35.39 11.62
N ILE B 201 -13.41 -35.64 10.59
CA ILE B 201 -13.12 -34.60 9.62
C ILE B 201 -13.82 -34.88 8.32
N ARG B 202 -14.66 -33.94 7.91
CA ARG B 202 -15.28 -34.00 6.58
C ARG B 202 -14.58 -32.94 5.72
N HIS B 203 -14.87 -32.93 4.43
CA HIS B 203 -14.20 -32.03 3.52
C HIS B 203 -14.40 -30.56 3.91
N ASP B 204 -15.47 -30.29 4.67
CA ASP B 204 -15.79 -28.90 5.07
C ASP B 204 -15.64 -28.64 6.56
N THR B 205 -14.92 -29.52 7.25
CA THR B 205 -14.42 -29.24 8.59
C THR B 205 -13.14 -28.41 8.46
N THR B 206 -13.09 -27.26 9.12
CA THR B 206 -11.84 -26.52 9.27
C THR B 206 -10.95 -27.27 10.26
N VAL B 207 -9.73 -27.57 9.84
CA VAL B 207 -8.79 -28.23 10.71
C VAL B 207 -7.70 -27.22 11.08
N ILE B 208 -7.41 -27.13 12.37
CA ILE B 208 -6.37 -26.24 12.87
C ILE B 208 -5.33 -27.12 13.55
N LEU B 209 -4.18 -27.28 12.88
CA LEU B 209 -3.14 -28.14 13.41
C LEU B 209 -2.02 -27.38 14.13
N TYR B 210 -1.50 -27.93 15.21
CA TYR B 210 -0.28 -27.38 15.79
C TYR B 210 0.56 -28.54 16.26
N GLY B 211 1.85 -28.31 16.43
CA GLY B 211 2.69 -29.33 17.05
C GLY B 211 3.70 -28.64 17.93
N ARG B 212 4.28 -29.44 18.79
CA ARG B 212 5.50 -29.05 19.47
C ARG B 212 6.56 -28.63 18.46
N ASP B 213 6.57 -29.29 17.30
CA ASP B 213 7.36 -28.84 16.14
C ASP B 213 6.43 -28.48 15.02
N VAL B 214 6.61 -27.30 14.43
CA VAL B 214 5.72 -26.86 13.35
C VAL B 214 5.67 -27.87 12.18
N TYR B 215 6.81 -28.41 11.79
CA TYR B 215 6.81 -29.31 10.63
C TYR B 215 6.01 -30.64 10.78
N ALA B 216 5.79 -31.13 12.01
CA ALA B 216 4.89 -32.26 12.23
C ALA B 216 3.45 -31.91 11.80
N ALA B 217 3.00 -30.72 12.23
CA ALA B 217 1.66 -30.28 11.90
C ALA B 217 1.58 -29.92 10.45
N ALA B 218 2.61 -29.28 9.87
CA ALA B 218 2.62 -29.01 8.44
C ALA B 218 2.53 -30.32 7.64
N ARG B 219 3.25 -31.34 8.06
CA ARG B 219 3.19 -32.62 7.36
C ARG B 219 1.74 -33.11 7.28
N VAL B 220 1.06 -33.10 8.41
CA VAL B 220 -0.28 -33.67 8.49
C VAL B 220 -1.20 -32.75 7.71
N ALA B 221 -0.95 -31.44 7.79
CA ALA B 221 -1.80 -30.45 7.15
C ALA B 221 -1.77 -30.61 5.63
N GLN B 222 -0.56 -30.69 5.05
CA GLN B 222 -0.45 -30.80 3.60
C GLN B 222 -1.13 -32.11 3.07
N ILE B 223 -0.96 -33.21 3.80
CA ILE B 223 -1.63 -34.47 3.45
C ILE B 223 -3.16 -34.34 3.49
N MET B 224 -3.68 -33.65 4.52
CA MET B 224 -5.11 -33.35 4.60
C MET B 224 -5.60 -32.48 3.44
N LEU B 225 -4.76 -31.52 3.02
CA LEU B 225 -5.09 -30.67 1.88
C LEU B 225 -5.15 -31.50 0.59
N TYR B 226 -4.16 -32.37 0.40
CA TYR B 226 -4.16 -33.32 -0.71
C TYR B 226 -5.43 -34.16 -0.70
N ALA B 227 -5.77 -34.72 0.46
CA ALA B 227 -6.97 -35.58 0.57
C ALA B 227 -8.27 -34.84 0.20
N GLY B 228 -8.39 -33.58 0.64
CA GLY B 228 -9.47 -32.75 0.19
C GLY B 228 -10.16 -31.98 1.28
N VAL B 229 -9.58 -31.94 2.48
CA VAL B 229 -10.02 -30.97 3.48
C VAL B 229 -9.75 -29.51 2.98
N LYS B 230 -10.81 -28.77 2.75
CA LYS B 230 -10.69 -27.50 2.08
C LYS B 230 -9.97 -26.42 2.92
N ASP B 231 -10.31 -26.35 4.21
CA ASP B 231 -9.82 -25.30 5.07
C ASP B 231 -8.89 -25.90 6.15
N VAL B 232 -7.59 -25.78 5.93
CA VAL B 232 -6.60 -26.33 6.85
C VAL B 232 -5.66 -25.19 7.24
N ARG B 233 -5.34 -25.11 8.53
CA ARG B 233 -4.58 -23.98 9.04
C ARG B 233 -3.56 -24.49 10.04
N LEU B 234 -2.55 -23.68 10.30
CA LEU B 234 -1.55 -24.00 11.32
C LEU B 234 -1.54 -22.93 12.40
N LEU B 235 -1.32 -23.33 13.65
CA LEU B 235 -0.93 -22.37 14.67
C LEU B 235 0.51 -21.93 14.37
N ASP B 236 0.70 -20.69 13.90
CA ASP B 236 2.04 -20.12 13.63
C ASP B 236 2.99 -20.26 14.86
N GLY B 237 4.15 -20.90 14.69
CA GLY B 237 5.11 -21.11 15.76
C GLY B 237 4.75 -22.25 16.69
N GLY B 238 3.62 -22.92 16.46
CA GLY B 238 3.29 -24.14 17.18
C GLY B 238 2.94 -24.02 18.65
N TRP B 239 3.03 -25.14 19.37
CA TRP B 239 2.61 -25.18 20.79
C TRP B 239 3.25 -24.08 21.65
N GLN B 240 4.53 -23.86 21.45
CA GLN B 240 5.30 -22.92 22.27
C GLN B 240 4.66 -21.51 22.39
N THR B 241 4.00 -21.05 21.32
CA THR B 241 3.35 -19.76 21.36
C THR B 241 2.11 -19.78 22.27
N TRP B 242 1.44 -20.92 22.37
CA TRP B 242 0.24 -20.99 23.20
C TRP B 242 0.66 -21.02 24.68
N SER B 243 1.75 -21.76 24.94
CA SER B 243 2.35 -21.89 26.25
C SER B 243 2.89 -20.55 26.70
N ASP B 244 3.54 -19.80 25.80
CA ASP B 244 4.09 -18.54 26.23
C ASP B 244 3.00 -17.48 26.43
N ALA B 245 1.84 -17.65 25.81
CA ALA B 245 0.78 -16.66 25.97
C ALA B 245 0.10 -16.89 27.32
N GLY B 246 0.44 -17.99 28.01
CA GLY B 246 -0.16 -18.33 29.33
C GLY B 246 -1.67 -18.59 29.27
N LEU B 247 -2.16 -19.04 28.12
CA LEU B 247 -3.60 -19.30 27.96
C LEU B 247 -3.97 -20.61 28.67
N PRO B 248 -5.28 -20.84 28.92
CA PRO B 248 -5.66 -22.10 29.61
C PRO B 248 -5.22 -23.36 28.84
N VAL B 249 -5.04 -24.47 29.57
CA VAL B 249 -4.59 -25.76 28.98
C VAL B 249 -5.46 -26.91 29.49
N GLU B 250 -5.39 -28.07 28.83
CA GLU B 250 -6.08 -29.27 29.31
C GLU B 250 -5.03 -30.38 29.40
N ARG B 251 -5.40 -31.48 30.05
CA ARG B 251 -4.53 -32.57 30.52
CA ARG B 251 -4.44 -32.56 30.26
C ARG B 251 -5.06 -33.92 30.03
N GLY B 252 -4.24 -34.97 30.11
CA GLY B 252 -4.79 -36.31 29.97
C GLY B 252 -4.95 -36.83 28.57
N THR B 253 -5.56 -38.00 28.46
CA THR B 253 -5.69 -38.69 27.18
C THR B 253 -6.67 -37.96 26.27
N PRO B 254 -6.49 -38.12 24.96
CA PRO B 254 -7.39 -37.50 24.01
C PRO B 254 -8.82 -37.95 24.23
N PRO B 255 -9.77 -37.04 24.45
CA PRO B 255 -11.19 -37.46 24.52
C PRO B 255 -11.61 -38.24 23.29
N LYS B 256 -12.74 -38.96 23.37
CA LYS B 256 -13.26 -39.75 22.23
C LYS B 256 -13.79 -38.78 21.20
N VAL B 257 -13.65 -39.13 19.93
CA VAL B 257 -14.14 -38.25 18.88
C VAL B 257 -15.30 -38.92 18.17
N LYS B 258 -16.33 -38.15 17.88
CA LYS B 258 -17.43 -38.68 17.10
C LYS B 258 -16.93 -38.94 15.69
N ALA B 259 -16.95 -40.21 15.30
CA ALA B 259 -16.62 -40.62 13.95
C ALA B 259 -17.49 -39.92 12.92
N GLU B 260 -16.88 -39.62 11.77
CA GLU B 260 -17.55 -38.97 10.67
C GLU B 260 -17.35 -39.79 9.40
N PRO B 261 -18.24 -40.76 9.12
CA PRO B 261 -17.86 -41.74 8.09
C PRO B 261 -17.95 -41.21 6.63
N ASP B 262 -18.77 -40.18 6.41
CA ASP B 262 -18.94 -39.64 5.07
C ASP B 262 -18.12 -38.34 4.86
N PHE B 263 -17.09 -38.43 4.01
CA PHE B 263 -16.17 -37.34 3.81
C PHE B 263 -16.79 -36.27 2.94
N GLY B 264 -17.55 -36.68 1.94
CA GLY B 264 -18.37 -35.71 1.22
C GLY B 264 -17.86 -35.30 -0.15
N VAL B 265 -16.63 -35.71 -0.47
CA VAL B 265 -16.02 -35.58 -1.81
C VAL B 265 -15.15 -36.81 -2.03
N LYS B 266 -14.79 -37.08 -3.27
CA LYS B 266 -13.92 -38.22 -3.54
C LYS B 266 -12.48 -37.86 -3.07
N ILE B 267 -11.84 -38.73 -2.28
CA ILE B 267 -10.45 -38.56 -1.88
C ILE B 267 -9.61 -39.19 -2.97
N PRO B 268 -8.61 -38.49 -3.52
CA PRO B 268 -8.10 -37.17 -3.12
C PRO B 268 -8.72 -36.07 -3.94
N ALA B 269 -9.20 -34.99 -3.29
CA ALA B 269 -9.75 -33.90 -4.09
C ALA B 269 -8.69 -32.98 -4.68
N GLN B 270 -7.47 -32.97 -4.13
CA GLN B 270 -6.39 -32.11 -4.69
C GLN B 270 -5.07 -32.86 -5.02
N PRO B 271 -5.12 -33.85 -5.94
CA PRO B 271 -3.97 -34.72 -6.13
C PRO B 271 -2.70 -33.97 -6.54
N GLN B 272 -2.88 -32.81 -7.13
CA GLN B 272 -1.76 -32.06 -7.68
C GLN B 272 -0.87 -31.40 -6.59
N LEU B 273 -1.24 -31.55 -5.30
CA LEU B 273 -0.47 -30.95 -4.18
C LEU B 273 0.68 -31.87 -3.78
N MET B 274 0.63 -33.13 -4.28
CA MET B 274 1.68 -34.10 -4.06
C MET B 274 2.24 -34.64 -5.38
N LEU B 275 3.57 -34.53 -5.57
CA LEU B 275 4.28 -35.10 -6.72
C LEU B 275 4.94 -36.43 -6.38
N ASP B 276 5.01 -37.30 -7.41
CA ASP B 276 5.79 -38.55 -7.30
C ASP B 276 7.14 -38.28 -7.94
N MET B 277 7.98 -39.28 -8.03
CA MET B 277 9.32 -39.07 -8.55
C MET B 277 9.33 -38.58 -10.01
N GLU B 278 8.53 -39.20 -10.85
CA GLU B 278 8.50 -38.90 -12.26
CA GLU B 278 8.51 -38.87 -12.29
C GLU B 278 8.07 -37.43 -12.49
N GLN B 279 7.04 -37.02 -11.76
CA GLN B 279 6.51 -35.67 -11.87
C GLN B 279 7.57 -34.68 -11.39
N ALA B 280 8.22 -35.00 -10.25
CA ALA B 280 9.33 -34.17 -9.73
C ALA B 280 10.49 -34.03 -10.71
N ARG B 281 11.00 -35.14 -11.24
CA ARG B 281 12.01 -35.07 -12.27
C ARG B 281 11.63 -34.12 -13.44
N GLY B 282 10.36 -34.16 -13.85
CA GLY B 282 9.86 -33.29 -14.90
C GLY B 282 9.96 -31.80 -14.62
N LEU B 283 10.24 -31.37 -13.38
CA LEU B 283 10.40 -29.93 -13.08
C LEU B 283 11.85 -29.42 -13.29
N LEU B 284 12.80 -30.34 -13.43
CA LEU B 284 14.26 -30.00 -13.43
C LEU B 284 14.65 -29.31 -14.72
N HIS B 285 15.64 -28.44 -14.66
CA HIS B 285 16.19 -27.79 -15.83
C HIS B 285 15.20 -26.89 -16.55
N ARG B 286 14.37 -26.19 -15.75
CA ARG B 286 13.35 -25.30 -16.32
C ARG B 286 13.39 -23.88 -15.71
N GLN B 287 13.10 -22.88 -16.52
CA GLN B 287 12.89 -21.51 -16.03
C GLN B 287 11.46 -21.31 -15.47
N ASP B 288 10.52 -22.14 -15.90
CA ASP B 288 9.14 -21.99 -15.50
C ASP B 288 8.78 -23.02 -14.44
N ALA B 289 9.76 -23.72 -13.93
CA ALA B 289 9.46 -24.67 -12.84
C ALA B 289 10.68 -24.81 -11.92
N SER B 290 10.47 -25.17 -10.65
CA SER B 290 11.63 -25.44 -9.75
C SER B 290 11.36 -26.62 -8.88
N LEU B 291 12.35 -27.48 -8.73
CA LEU B 291 12.32 -28.53 -7.72
C LEU B 291 13.27 -28.07 -6.62
N VAL B 292 12.67 -27.82 -5.45
CA VAL B 292 13.29 -27.07 -4.41
C VAL B 292 13.68 -27.93 -3.22
N SER B 293 14.97 -27.90 -2.89
CA SER B 293 15.50 -28.62 -1.77
C SER B 293 15.42 -27.77 -0.50
N ILE B 294 14.57 -28.20 0.43
CA ILE B 294 14.46 -27.65 1.74
C ILE B 294 15.33 -28.53 2.66
N ARG B 295 16.63 -28.42 2.44
CA ARG B 295 17.59 -29.15 3.25
C ARG B 295 18.68 -28.17 3.67
N SER B 296 19.37 -28.52 4.75
CA SER B 296 20.49 -27.75 5.27
C SER B 296 21.59 -27.68 4.24
N TRP B 297 22.40 -26.62 4.27
CA TRP B 297 23.55 -26.50 3.35
C TRP B 297 24.48 -27.73 3.34
N PRO B 298 24.84 -28.27 4.52
CA PRO B 298 25.68 -29.49 4.44
C PRO B 298 25.01 -30.70 3.71
N GLU B 299 23.70 -30.86 3.87
CA GLU B 299 22.93 -31.83 3.05
C GLU B 299 23.03 -31.50 1.57
N PHE B 300 22.88 -30.22 1.23
CA PHE B 300 22.79 -29.77 -0.14
C PHE B 300 24.13 -29.95 -0.86
N ILE B 301 25.23 -29.89 -0.11
CA ILE B 301 26.54 -30.02 -0.76
C ILE B 301 27.17 -31.43 -0.63
N GLY B 302 26.50 -32.32 0.10
CA GLY B 302 26.91 -33.71 0.18
C GLY B 302 27.81 -34.07 1.35
N THR B 303 28.02 -33.12 2.26
CA THR B 303 28.84 -33.39 3.47
C THR B 303 28.18 -34.47 4.33
N THR B 304 26.87 -34.43 4.42
CA THR B 304 26.12 -35.39 5.23
C THR B 304 24.73 -35.71 4.61
N SER B 305 24.23 -36.93 4.81
CA SER B 305 22.88 -37.25 4.31
C SER B 305 21.83 -36.52 5.14
N GLY B 306 22.15 -36.29 6.40
CA GLY B 306 21.27 -35.59 7.31
C GLY B 306 20.48 -36.57 8.11
N TYR B 307 20.65 -37.86 7.80
CA TYR B 307 19.79 -38.89 8.35
C TYR B 307 20.63 -40.12 8.67
N SER B 308 20.29 -40.74 9.79
CA SER B 308 20.85 -42.02 10.26
C SER B 308 20.73 -43.13 9.26
N TYR B 309 19.56 -43.19 8.64
CA TYR B 309 19.10 -44.38 7.95
C TYR B 309 19.09 -44.10 6.49
N ILE B 310 19.75 -43.01 6.11
CA ILE B 310 19.95 -42.72 4.71
C ILE B 310 21.43 -42.60 4.46
N LYS B 311 21.93 -43.49 3.63
CA LYS B 311 23.34 -43.64 3.39
C LYS B 311 23.83 -42.69 2.29
N PRO B 312 23.18 -42.69 1.10
CA PRO B 312 23.74 -41.77 0.08
C PRO B 312 23.78 -40.29 0.52
N LYS B 313 24.82 -39.58 0.12
CA LYS B 313 25.02 -38.16 0.40
C LYS B 313 24.98 -37.37 -0.92
N GLY B 314 24.40 -36.19 -0.89
CA GLY B 314 24.37 -35.37 -2.07
C GLY B 314 22.97 -34.89 -2.27
N GLU B 315 22.72 -34.34 -3.46
CA GLU B 315 21.45 -33.67 -3.73
C GLU B 315 20.91 -34.05 -5.11
N ILE B 316 19.60 -33.97 -5.29
CA ILE B 316 19.01 -34.21 -6.59
C ILE B 316 19.66 -33.24 -7.59
N ALA B 317 20.27 -33.75 -8.68
CA ALA B 317 20.93 -32.81 -9.62
C ALA B 317 19.91 -31.85 -10.25
N GLY B 318 20.22 -30.55 -10.23
CA GLY B 318 19.36 -29.55 -10.84
C GLY B 318 18.34 -28.98 -9.86
N ALA B 319 18.26 -29.54 -8.67
CA ALA B 319 17.37 -28.97 -7.65
C ALA B 319 17.96 -27.63 -7.18
N ARG B 320 17.05 -26.74 -6.76
CA ARG B 320 17.43 -25.42 -6.38
C ARG B 320 17.34 -25.34 -4.85
N TRP B 321 18.32 -24.71 -4.22
CA TRP B 321 18.30 -24.66 -2.75
C TRP B 321 17.25 -23.66 -2.25
N GLY B 322 16.32 -24.12 -1.45
CA GLY B 322 15.38 -23.20 -0.85
C GLY B 322 15.64 -22.80 0.60
N HIS B 323 16.86 -23.04 1.07
CA HIS B 323 17.25 -22.89 2.51
C HIS B 323 16.41 -23.80 3.31
N ALA B 324 16.66 -23.85 4.61
CA ALA B 324 15.96 -24.69 5.56
C ALA B 324 16.43 -24.31 6.97
N GLY B 325 17.42 -25.03 7.49
CA GLY B 325 18.02 -24.73 8.76
C GLY B 325 19.42 -25.30 8.89
N SER B 326 19.93 -25.29 10.13
CA SER B 326 21.35 -25.53 10.46
C SER B 326 21.71 -27.00 10.26
N ASP B 327 20.78 -27.86 10.61
CA ASP B 327 20.91 -29.28 10.34
C ASP B 327 19.54 -29.86 9.94
N SER B 328 19.44 -31.17 9.81
CA SER B 328 18.27 -31.76 9.20
C SER B 328 17.03 -31.67 10.03
N THR B 329 17.16 -31.28 11.29
CA THR B 329 15.98 -31.22 12.16
C THR B 329 15.60 -29.79 12.58
N HIS B 330 16.26 -28.77 12.02
CA HIS B 330 15.90 -27.40 12.37
C HIS B 330 15.51 -26.58 11.16
N MET B 331 14.81 -25.47 11.40
CA MET B 331 14.30 -24.62 10.33
C MET B 331 14.57 -23.11 10.53
N GLU B 332 15.75 -22.78 11.05
CA GLU B 332 16.06 -21.39 11.41
C GLU B 332 15.83 -20.41 10.30
N ASP B 333 16.01 -20.83 9.04
CA ASP B 333 15.91 -19.88 7.95
C ASP B 333 14.46 -19.44 7.67
N PHE B 334 13.48 -20.13 8.26
CA PHE B 334 12.07 -19.81 8.05
C PHE B 334 11.38 -19.28 9.31
N HIS B 335 12.15 -19.08 10.40
CA HIS B 335 11.59 -18.77 11.73
C HIS B 335 12.05 -17.44 12.30
N ASN B 336 11.15 -16.78 13.01
CA ASN B 336 11.55 -15.65 13.86
C ASN B 336 12.04 -16.21 15.19
N PRO B 337 12.61 -15.36 16.07
CA PRO B 337 13.12 -15.85 17.37
C PRO B 337 12.02 -16.44 18.24
N ASP B 338 10.75 -16.15 17.96
CA ASP B 338 9.67 -16.80 18.72
C ASP B 338 9.15 -18.07 18.05
N GLY B 339 9.79 -18.52 16.96
CA GLY B 339 9.35 -19.76 16.29
C GLY B 339 8.32 -19.55 15.19
N THR B 340 7.85 -18.31 14.98
CA THR B 340 6.80 -18.05 14.00
C THR B 340 7.44 -17.88 12.63
N MET B 341 6.60 -17.92 11.58
CA MET B 341 7.08 -17.77 10.19
C MET B 341 7.71 -16.42 9.97
N ARG B 342 8.95 -16.45 9.52
CA ARG B 342 9.69 -15.30 9.11
C ARG B 342 8.94 -14.54 8.04
N SER B 343 9.23 -13.25 7.94
CA SER B 343 8.67 -12.41 6.93
C SER B 343 8.60 -12.99 5.48
N ALA B 344 7.43 -12.92 4.85
CA ALA B 344 7.24 -13.28 3.48
C ALA B 344 8.19 -12.56 2.51
N ASP B 345 8.45 -11.27 2.73
CA ASP B 345 9.39 -10.54 1.89
C ASP B 345 10.79 -11.17 1.94
N ASP B 346 11.25 -11.55 3.13
CA ASP B 346 12.56 -12.19 3.24
C ASP B 346 12.59 -13.57 2.58
N ILE B 347 11.57 -14.41 2.84
CA ILE B 347 11.47 -15.73 2.23
C ILE B 347 11.42 -15.57 0.72
N THR B 348 10.63 -14.62 0.24
CA THR B 348 10.54 -14.39 -1.21
C THR B 348 11.93 -14.05 -1.82
N ALA B 349 12.67 -13.14 -1.19
CA ALA B 349 13.99 -12.72 -1.63
C ALA B 349 15.02 -13.86 -1.58
N MET B 350 14.98 -14.62 -0.52
CA MET B 350 15.87 -15.75 -0.35
C MET B 350 15.62 -16.84 -1.47
N TRP B 351 14.35 -17.07 -1.79
CA TRP B 351 13.98 -18.00 -2.87
C TRP B 351 14.37 -17.43 -4.22
N LYS B 352 14.08 -16.16 -4.43
CA LYS B 352 14.37 -15.52 -5.70
C LYS B 352 15.89 -15.56 -6.07
N ALA B 353 16.74 -15.43 -5.06
CA ALA B 353 18.18 -15.44 -5.35
C ALA B 353 18.60 -16.84 -5.89
N TRP B 354 17.83 -17.88 -5.58
CA TRP B 354 18.11 -19.17 -6.16
C TRP B 354 17.20 -19.49 -7.37
N ASN B 355 16.57 -18.47 -7.96
CA ASN B 355 15.72 -18.63 -9.12
C ASN B 355 14.42 -19.43 -8.86
N ILE B 356 13.91 -19.29 -7.64
CA ILE B 356 12.64 -19.90 -7.23
C ILE B 356 11.62 -18.76 -7.09
N LYS B 357 10.60 -18.79 -7.94
CA LYS B 357 9.71 -17.64 -8.13
C LYS B 357 8.21 -18.05 -8.15
N PRO B 358 7.31 -17.15 -7.70
CA PRO B 358 5.89 -17.53 -7.63
C PRO B 358 5.20 -17.89 -8.98
N GLU B 359 5.77 -17.44 -10.08
CA GLU B 359 5.19 -17.70 -11.41
C GLU B 359 5.42 -19.14 -11.86
N GLN B 360 6.39 -19.82 -11.22
CA GLN B 360 6.79 -21.18 -11.58
C GLN B 360 5.88 -22.21 -10.96
N GLN B 361 5.82 -23.38 -11.58
CA GLN B 361 5.39 -24.58 -10.86
C GLN B 361 6.55 -24.98 -9.93
N VAL B 362 6.28 -25.02 -8.63
CA VAL B 362 7.27 -25.18 -7.59
C VAL B 362 6.95 -26.38 -6.70
N SER B 363 7.95 -27.23 -6.46
CA SER B 363 7.68 -28.41 -5.63
C SER B 363 8.81 -28.53 -4.64
N PHE B 364 8.46 -28.67 -3.36
CA PHE B 364 9.46 -28.73 -2.27
C PHE B 364 9.68 -30.17 -1.86
N TYR B 365 10.93 -30.49 -1.54
CA TYR B 365 11.19 -31.81 -0.96
C TYR B 365 12.29 -31.64 0.06
N CSS B 366 12.48 -32.70 0.85
CA CSS B 366 13.55 -32.75 1.81
CB CSS B 366 13.16 -32.10 3.15
SG CSS B 366 11.59 -32.68 3.67
SD CSS B 366 12.37 -33.46 5.36
C CSS B 366 14.04 -34.18 1.90
O CSS B 366 14.22 -34.85 0.87
N GLY B 367 14.28 -34.68 3.11
CA GLY B 367 14.68 -36.05 3.24
C GLY B 367 13.48 -36.90 2.95
N THR B 368 12.39 -36.66 3.69
CA THR B 368 11.22 -37.50 3.62
C THR B 368 9.92 -36.72 3.55
N GLY B 369 10.00 -35.38 3.53
CA GLY B 369 8.82 -34.53 3.32
C GLY B 369 8.35 -33.58 4.43
N TRP B 370 8.91 -33.70 5.64
CA TRP B 370 8.45 -32.89 6.77
C TRP B 370 8.79 -31.41 6.62
N ARG B 371 10.06 -31.10 6.48
CA ARG B 371 10.46 -29.70 6.28
C ARG B 371 9.79 -29.12 5.05
N ALA B 372 9.70 -29.93 4.00
CA ALA B 372 9.05 -29.48 2.73
C ALA B 372 7.56 -29.09 2.93
N SER B 373 6.88 -29.80 3.85
CA SER B 373 5.48 -29.50 4.15
C SER B 373 5.37 -28.16 4.87
N GLU B 374 6.32 -27.89 5.76
CA GLU B 374 6.39 -26.59 6.38
C GLU B 374 6.52 -25.46 5.37
N THR B 375 7.45 -25.56 4.44
CA THR B 375 7.60 -24.52 3.46
C THR B 375 6.42 -24.47 2.52
N PHE B 376 5.84 -25.63 2.20
CA PHE B 376 4.61 -25.68 1.40
C PHE B 376 3.51 -24.85 2.04
N MET B 377 3.32 -24.99 3.36
CA MET B 377 2.25 -24.29 4.07
C MET B 377 2.49 -22.78 4.03
N TYR B 378 3.77 -22.38 4.18
CA TYR B 378 4.14 -20.95 4.04
C TYR B 378 3.91 -20.40 2.64
N ALA B 379 4.33 -21.13 1.60
CA ALA B 379 4.12 -20.64 0.23
C ALA B 379 2.63 -20.55 -0.09
N ARG B 380 1.86 -21.52 0.36
CA ARG B 380 0.41 -21.46 0.26
C ARG B 380 -0.15 -20.17 0.95
N ALA B 381 0.31 -19.86 2.16
CA ALA B 381 -0.19 -18.65 2.83
C ALA B 381 0.29 -17.42 2.09
N MET B 382 1.48 -17.53 1.49
CA MET B 382 2.01 -16.45 0.65
C MET B 382 1.29 -16.29 -0.68
N GLY B 383 0.30 -17.16 -0.96
CA GLY B 383 -0.46 -17.05 -2.19
C GLY B 383 0.25 -17.59 -3.46
N TRP B 384 1.33 -18.37 -3.31
CA TRP B 384 1.97 -19.06 -4.46
C TRP B 384 0.95 -20.06 -5.04
N LYS B 385 0.61 -19.92 -6.34
CA LYS B 385 -0.56 -20.66 -6.85
C LYS B 385 -0.32 -22.08 -7.30
N ASN B 386 0.93 -22.46 -7.57
CA ASN B 386 1.23 -23.80 -8.11
CA ASN B 386 1.21 -23.80 -8.08
C ASN B 386 2.36 -24.44 -7.30
N VAL B 387 2.06 -24.82 -6.08
CA VAL B 387 3.07 -25.38 -5.23
C VAL B 387 2.62 -26.77 -4.82
N SER B 388 3.57 -27.60 -4.45
CA SER B 388 3.31 -29.00 -4.12
C SER B 388 4.45 -29.50 -3.27
N VAL B 389 4.32 -30.71 -2.74
CA VAL B 389 5.42 -31.41 -2.10
C VAL B 389 5.74 -32.65 -2.95
N TYR B 390 7.03 -32.86 -3.22
CA TYR B 390 7.50 -34.12 -3.79
C TYR B 390 7.85 -35.00 -2.62
N ASP B 391 6.90 -35.87 -2.28
CA ASP B 391 6.95 -36.70 -1.11
C ASP B 391 8.25 -37.52 -0.91
N GLY B 392 8.71 -38.18 -1.97
CA GLY B 392 9.78 -39.15 -1.82
C GLY B 392 11.09 -38.48 -1.44
N GLY B 393 11.31 -37.28 -1.92
CA GLY B 393 12.50 -36.54 -1.53
C GLY B 393 13.80 -37.29 -1.77
N TRP B 394 14.81 -36.96 -0.98
CA TRP B 394 16.13 -37.50 -1.19
C TRP B 394 16.15 -39.00 -0.89
N TYR B 395 15.36 -39.41 0.10
CA TYR B 395 15.25 -40.80 0.44
C TYR B 395 14.84 -41.67 -0.76
N GLU B 396 13.78 -41.28 -1.45
CA GLU B 396 13.38 -42.01 -2.66
C GLU B 396 14.37 -41.81 -3.82
N TRP B 397 14.63 -40.56 -4.18
CA TRP B 397 15.52 -40.29 -5.28
C TRP B 397 16.82 -41.08 -5.19
N SER B 398 17.44 -41.07 -4.01
CA SER B 398 18.79 -41.64 -3.92
C SER B 398 18.82 -43.16 -3.74
N SER B 399 17.64 -43.76 -3.47
CA SER B 399 17.49 -45.21 -3.35
CA SER B 399 17.52 -45.20 -3.34
C SER B 399 17.79 -45.89 -4.68
N ASP B 400 17.64 -45.14 -5.77
CA ASP B 400 18.01 -45.63 -7.08
C ASP B 400 19.30 -44.97 -7.58
N PRO B 401 20.40 -45.73 -7.62
CA PRO B 401 21.73 -45.20 -8.01
C PRO B 401 21.78 -44.65 -9.44
N LYS B 402 20.82 -45.01 -10.28
CA LYS B 402 20.74 -44.41 -11.62
C LYS B 402 20.36 -42.92 -11.61
N ASN B 403 19.59 -42.47 -10.62
CA ASN B 403 19.19 -41.06 -10.56
C ASN B 403 20.39 -40.11 -10.38
N PRO B 404 20.43 -39.02 -11.17
CA PRO B 404 21.62 -38.17 -11.08
C PRO B 404 21.68 -37.35 -9.77
N VAL B 405 22.90 -37.13 -9.31
CA VAL B 405 23.18 -36.61 -8.01
C VAL B 405 24.17 -35.48 -8.16
N ALA B 406 23.87 -34.36 -7.51
CA ALA B 406 24.80 -33.21 -7.43
C ALA B 406 25.46 -33.16 -6.04
N THR B 407 26.68 -32.60 -6.04
CA THR B 407 27.56 -32.55 -4.89
C THR B 407 28.37 -31.25 -4.88
N GLY B 408 28.87 -30.82 -3.73
CA GLY B 408 29.77 -29.63 -3.69
C GLY B 408 29.18 -28.22 -3.68
N GLU B 409 29.95 -27.24 -3.18
CA GLU B 409 29.57 -25.80 -3.23
C GLU B 409 29.17 -25.47 -4.66
N ARG B 410 28.03 -24.79 -4.81
CA ARG B 410 27.57 -24.31 -6.12
C ARG B 410 26.47 -23.25 -5.96
N GLY B 411 26.25 -22.46 -7.00
CA GLY B 411 25.25 -21.42 -6.99
C GLY B 411 24.11 -21.72 -7.95
N PRO B 412 23.14 -20.81 -8.06
CA PRO B 412 21.94 -20.98 -8.89
C PRO B 412 22.23 -21.37 -10.36
N ASP B 413 23.30 -20.84 -10.94
CA ASP B 413 23.65 -21.19 -12.32
C ASP B 413 23.88 -22.67 -12.57
N SER B 414 24.27 -23.42 -11.56
CA SER B 414 24.46 -24.84 -11.76
C SER B 414 23.10 -25.62 -11.78
N SER B 415 22.00 -24.88 -11.67
CA SER B 415 20.67 -25.51 -11.61
C SER B 415 19.79 -25.07 -12.74
N LYS B 416 20.38 -24.50 -13.77
CA LYS B 416 19.54 -24.21 -14.93
C LYS B 416 19.30 -25.48 -15.79
P PO4 C . 5.40 37.29 -2.70
O1 PO4 C . 4.36 38.06 -1.89
O2 PO4 C . 6.49 36.63 -1.84
O3 PO4 C . 4.79 36.25 -3.60
O4 PO4 C . 6.02 38.31 -3.61
NA NA D . -11.77 30.59 7.42
O1 PE4 E . 12.16 -42.45 11.45
C1 PE4 E . 11.72 -41.59 10.38
C2 PE4 E . 10.35 -41.01 10.69
O2 PE4 E . 10.06 -39.92 9.82
C3 PE4 E . 9.99 -38.68 10.52
C4 PE4 E . 11.01 -37.73 9.91
O3 PE4 E . 11.33 -36.59 10.73
C5 PE4 E . 11.78 -35.61 9.79
C6 PE4 E . 12.64 -34.54 10.44
O4 PE4 E . 13.79 -34.25 9.61
C7 PE4 E . 15.05 -34.81 10.09
C8 PE4 E . 15.04 -35.99 11.10
O5 PE4 E . 16.17 -36.89 10.90
C9 PE4 E . 17.10 -37.13 11.97
C10 PE4 E . 18.43 -37.71 11.41
O6 PE4 E . 18.64 -39.13 11.58
C1 GOL F . 22.53 -23.53 6.71
O1 GOL F . 22.02 -24.82 6.41
C2 GOL F . 21.47 -22.45 6.49
O2 GOL F . 20.43 -22.74 7.39
C3 GOL F . 22.03 -21.07 6.82
O3 GOL F . 21.50 -20.07 5.96
C5 PG0 G . 25.71 -24.88 7.77
O2 PG0 G . 25.99 -24.21 6.51
C4 PG0 G . 26.06 -22.76 6.67
C3 PG0 G . 25.33 -21.84 5.65
O1 PG0 G . 26.13 -21.50 4.48
C2 PG0 G . 25.43 -20.74 3.50
C1 PG0 G . 26.45 -20.40 2.41
OTT PG0 G . 25.91 -20.75 1.13
C5 PG0 H . 12.18 -43.48 -12.65
O2 PG0 H . 11.17 -42.46 -12.76
C4 PG0 H . 11.63 -41.12 -13.11
C3 PG0 H . 10.80 -40.41 -14.19
O1 PG0 H . 11.38 -39.25 -14.85
C2 PG0 H . 10.45 -38.21 -15.26
C1 PG0 H . 10.71 -37.45 -16.58
OTT PG0 H . 12.02 -36.86 -16.80
P PO4 I . 3.57 -35.35 22.24
O1 PO4 I . 2.42 -35.31 23.21
O2 PO4 I . 4.90 -35.44 22.98
O3 PO4 I . 3.37 -36.59 21.39
O4 PO4 I . 3.53 -34.07 21.44
NA NA J . 8.22 -38.96 1.98
#